data_3GTU
#
_entry.id   3GTU
#
_cell.length_a   51.970
_cell.length_b   102.747
_cell.length_c   103.977
_cell.angle_alpha   90.00
_cell.angle_beta   95.80
_cell.angle_gamma   90.00
#
_symmetry.space_group_name_H-M   'P 1 21 1'
#
loop_
_entity.id
_entity.type
_entity.pdbx_description
1 polymer 'GLUTATHIONE S-TRANSFERASE'
2 polymer 'GLUTATHIONE S-TRANSFERASE'
3 water water
#
loop_
_entity_poly.entity_id
_entity_poly.type
_entity_poly.pdbx_seq_one_letter_code
_entity_poly.pdbx_strand_id
1 'polypeptide(L)'
;PMTLGYWNIRGLAHSIRLLLEYTDSSYEEKKYTMGDAPDYDRSQWLNEKFKLGLDFPNLPYLIDGTHKITQSNAILRYIA
RKHNLCGESEKEQIREDILENQFMDSRMQLAKLCYDPDFEKLKPEYLQALPEMLKLYSQFLGKQPWFLGDKITFVDFIAY
DVLERNQVFEPSCLDAFPNLKDFISRFEGLEKISAYMKSSRFLPRPVFTKMAVWGNK
;
A,C
2 'polypeptide(L)'
;SCESSMVLGYWDIRGLAHAIRLLLEFTDTSYEEKRYTCGEAPDYDRSQWLDVKFKLDLDFPNLPYLLDGKNKITQSNAIL
RYIARKHNMCGETEEEKIRVDIIENQVMDFRTQLIRLCYSSDHEKLKPQYLEELPGQLKQFSMFLGKFSWFAGEKLTFVD
FLTYDILDQNRIFDPKCLDEFPNLKAFMCRFEALEKIAAYLQSDQFCKMPINNKMAQWGNKPVC
;
B,D
#
# COMPACT_ATOMS: atom_id res chain seq x y z
N PRO A 1 -6.58 -13.26 31.97
CA PRO A 1 -5.63 -13.19 30.86
C PRO A 1 -4.44 -12.25 31.15
N MET A 2 -3.82 -11.71 30.10
CA MET A 2 -2.73 -10.73 30.25
C MET A 2 -3.25 -9.46 30.90
N THR A 3 -2.35 -8.74 31.58
CA THR A 3 -2.71 -7.48 32.23
C THR A 3 -1.75 -6.42 31.77
N LEU A 4 -2.28 -5.28 31.37
CA LEU A 4 -1.47 -4.18 30.90
C LEU A 4 -1.74 -3.04 31.86
N GLY A 5 -0.69 -2.56 32.52
CA GLY A 5 -0.84 -1.47 33.48
C GLY A 5 -0.15 -0.23 33.01
N TYR A 6 -0.90 0.87 32.96
CA TYR A 6 -0.38 2.16 32.56
C TYR A 6 -1.34 3.27 32.99
N TRP A 7 -0.92 4.51 32.85
CA TRP A 7 -1.79 5.64 33.15
C TRP A 7 -2.99 5.61 32.20
N ASN A 8 -4.06 6.31 32.54
CA ASN A 8 -5.21 6.40 31.67
C ASN A 8 -4.88 7.48 30.61
N ILE A 9 -3.85 7.21 29.82
CA ILE A 9 -3.30 8.19 28.88
C ILE A 9 -2.95 7.34 27.65
N ARG A 10 -2.79 8.00 26.51
CA ARG A 10 -2.32 7.37 25.30
C ARG A 10 -0.88 6.92 25.49
N GLY A 11 -0.01 7.93 25.67
CA GLY A 11 1.42 7.74 25.89
C GLY A 11 2.09 6.48 25.34
N LEU A 12 2.99 5.93 26.15
CA LEU A 12 3.74 4.75 25.78
C LEU A 12 2.92 3.45 25.67
N ALA A 13 1.64 3.49 26.04
CA ALA A 13 0.81 2.27 26.01
C ALA A 13 0.12 2.11 24.65
N HIS A 14 -0.06 3.22 23.91
CA HIS A 14 -0.71 3.20 22.60
C HIS A 14 -0.30 2.07 21.67
N SER A 15 1.00 1.98 21.37
CA SER A 15 1.50 0.96 20.46
C SER A 15 1.20 -0.44 20.95
N ILE A 16 1.29 -0.62 22.28
CA ILE A 16 1.08 -1.92 22.92
C ILE A 16 -0.39 -2.34 22.76
N ARG A 17 -1.31 -1.46 23.14
CA ARG A 17 -2.72 -1.74 23.04
C ARG A 17 -3.07 -2.16 21.60
N LEU A 18 -2.61 -1.37 20.63
CA LEU A 18 -2.86 -1.64 19.21
C LEU A 18 -2.38 -3.03 18.85
N LEU A 19 -1.16 -3.35 19.27
CA LEU A 19 -0.57 -4.64 18.96
C LEU A 19 -1.36 -5.77 19.55
N LEU A 20 -1.80 -5.59 20.80
CA LEU A 20 -2.61 -6.59 21.49
C LEU A 20 -3.90 -6.89 20.76
N GLU A 21 -4.60 -5.84 20.32
CA GLU A 21 -5.84 -5.95 19.56
C GLU A 21 -5.62 -6.65 18.23
N TYR A 22 -4.64 -6.17 17.47
CA TYR A 22 -4.31 -6.75 16.17
C TYR A 22 -4.08 -8.25 16.29
N THR A 23 -3.46 -8.69 17.38
CA THR A 23 -3.14 -10.09 17.55
C THR A 23 -4.24 -10.89 18.26
N ASP A 24 -5.33 -10.19 18.60
CA ASP A 24 -6.45 -10.79 19.31
C ASP A 24 -6.02 -11.46 20.61
N SER A 25 -5.09 -10.85 21.31
CA SER A 25 -4.59 -11.39 22.57
C SER A 25 -5.63 -11.00 23.61
N SER A 26 -6.07 -11.96 24.41
CA SER A 26 -7.00 -11.68 25.49
C SER A 26 -6.24 -10.97 26.61
N TYR A 27 -6.71 -9.77 26.96
CA TYR A 27 -6.02 -8.98 27.98
C TYR A 27 -6.98 -8.09 28.75
N GLU A 28 -6.51 -7.59 29.89
CA GLU A 28 -7.26 -6.66 30.72
C GLU A 28 -6.33 -5.51 31.01
N GLU A 29 -6.88 -4.31 31.18
CA GLU A 29 -6.05 -3.15 31.45
C GLU A 29 -6.22 -2.66 32.90
N LYS A 30 -5.11 -2.21 33.48
CA LYS A 30 -5.10 -1.65 34.81
C LYS A 30 -4.66 -0.23 34.62
N LYS A 31 -5.62 0.67 34.50
CA LYS A 31 -5.34 2.08 34.25
C LYS A 31 -5.15 2.83 35.56
N TYR A 32 -4.14 3.70 35.62
CA TYR A 32 -3.88 4.46 36.82
C TYR A 32 -4.25 5.91 36.54
N THR A 33 -4.90 6.56 37.51
CA THR A 33 -5.27 7.96 37.38
C THR A 33 -4.31 8.86 38.16
N MET A 34 -4.00 10.02 37.57
CA MET A 34 -3.07 10.97 38.16
C MET A 34 -3.84 12.18 38.68
N GLY A 35 -3.35 12.78 39.76
CA GLY A 35 -3.98 13.97 40.32
C GLY A 35 -3.88 15.18 39.44
N ASP A 36 -4.89 16.03 39.55
CA ASP A 36 -4.99 17.23 38.74
C ASP A 36 -4.52 18.45 39.53
N ALA A 37 -4.66 18.38 40.84
CA ALA A 37 -4.31 19.47 41.73
C ALA A 37 -2.80 19.80 41.60
N PRO A 38 -2.30 20.86 42.27
CA PRO A 38 -0.87 21.16 42.19
C PRO A 38 0.00 19.95 42.44
N ASP A 39 -0.47 19.10 43.33
CA ASP A 39 0.19 17.86 43.63
C ASP A 39 -0.45 16.89 42.67
N TYR A 40 0.29 16.53 41.62
CA TYR A 40 -0.23 15.55 40.68
C TYR A 40 -0.16 14.17 41.34
N ASP A 41 -1.12 13.91 42.21
CA ASP A 41 -1.15 12.72 43.05
C ASP A 41 -1.04 11.41 42.30
N ARG A 42 0.09 10.74 42.48
CA ARG A 42 0.35 9.48 41.80
C ARG A 42 0.26 8.28 42.76
N SER A 43 -0.39 8.51 43.90
CA SER A 43 -0.49 7.50 44.96
C SER A 43 -1.13 6.21 44.46
N GLN A 44 -2.12 6.33 43.57
CA GLN A 44 -2.80 5.17 42.97
C GLN A 44 -1.82 4.14 42.40
N TRP A 45 -0.72 4.62 41.83
CA TRP A 45 0.32 3.77 41.28
C TRP A 45 1.29 3.43 42.39
N LEU A 46 1.86 4.45 43.04
CA LEU A 46 2.90 4.28 44.06
C LEU A 46 2.54 3.25 45.13
N ASN A 47 1.30 3.30 45.60
CA ASN A 47 0.83 2.38 46.65
C ASN A 47 0.82 0.91 46.19
N GLU A 48 0.80 0.71 44.88
CA GLU A 48 0.74 -0.61 44.29
C GLU A 48 2.07 -0.95 43.60
N LYS A 49 2.88 0.09 43.35
CA LYS A 49 4.13 0.00 42.59
C LYS A 49 5.06 -1.15 42.97
N PHE A 50 5.33 -1.28 44.26
CA PHE A 50 6.25 -2.31 44.73
C PHE A 50 5.61 -3.63 45.10
N LYS A 51 4.29 -3.70 45.05
CA LYS A 51 3.57 -4.91 45.43
C LYS A 51 3.32 -5.83 44.24
N LEU A 52 3.76 -5.42 43.05
CA LEU A 52 3.53 -6.20 41.82
C LEU A 52 4.58 -7.26 41.54
N GLY A 53 5.74 -7.14 42.17
CA GLY A 53 6.80 -8.13 41.98
C GLY A 53 7.60 -8.02 40.69
N LEU A 54 7.63 -6.80 40.16
CA LEU A 54 8.39 -6.54 38.94
C LEU A 54 9.85 -6.32 39.33
N ASP A 55 10.79 -6.77 38.50
CA ASP A 55 12.22 -6.55 38.76
C ASP A 55 12.59 -5.08 38.69
N PHE A 56 12.02 -4.36 37.72
CA PHE A 56 12.24 -2.93 37.62
C PHE A 56 10.89 -2.22 37.53
N PRO A 57 10.28 -1.92 38.71
CA PRO A 57 8.96 -1.28 38.78
C PRO A 57 8.86 -0.06 37.90
N ASN A 58 7.89 -0.07 36.96
CA ASN A 58 7.73 1.05 36.02
C ASN A 58 6.46 0.90 35.21
N LEU A 59 6.00 2.01 34.63
CA LEU A 59 4.84 2.01 33.75
C LEU A 59 5.29 2.29 32.29
N PRO A 60 4.78 1.52 31.31
CA PRO A 60 3.83 0.42 31.44
C PRO A 60 4.49 -0.89 31.80
N TYR A 61 3.67 -1.87 32.20
CA TYR A 61 4.15 -3.22 32.50
C TYR A 61 3.15 -4.19 31.90
N LEU A 62 3.62 -5.39 31.55
CA LEU A 62 2.77 -6.45 31.05
C LEU A 62 3.05 -7.70 31.86
N ILE A 63 1.98 -8.29 32.39
CA ILE A 63 2.08 -9.53 33.14
C ILE A 63 1.41 -10.63 32.32
N ASP A 64 2.20 -11.61 31.89
CA ASP A 64 1.69 -12.73 31.16
C ASP A 64 2.09 -14.03 31.89
N GLY A 65 1.19 -14.49 32.75
CA GLY A 65 1.44 -15.70 33.53
C GLY A 65 2.59 -15.46 34.49
N THR A 66 3.69 -16.15 34.28
CA THR A 66 4.87 -16.00 35.11
C THR A 66 5.80 -14.87 34.62
N HIS A 67 5.54 -14.37 33.41
CA HIS A 67 6.35 -13.32 32.83
C HIS A 67 5.82 -11.98 33.26
N LYS A 68 6.71 -11.16 33.79
CA LYS A 68 6.38 -9.82 34.19
C LYS A 68 7.42 -8.92 33.50
N ILE A 69 7.01 -8.28 32.40
CA ILE A 69 7.91 -7.48 31.60
C ILE A 69 7.57 -6.01 31.75
N THR A 70 8.60 -5.16 31.73
CA THR A 70 8.46 -3.71 31.75
C THR A 70 9.27 -3.17 30.58
N GLN A 71 9.20 -1.85 30.36
CA GLN A 71 9.85 -1.20 29.23
C GLN A 71 9.09 -1.45 27.93
N SER A 72 8.56 -0.37 27.35
CA SER A 72 7.76 -0.39 26.10
C SER A 72 8.33 -1.33 25.02
N ASN A 73 9.59 -1.12 24.64
CA ASN A 73 10.20 -1.90 23.58
C ASN A 73 10.31 -3.34 23.94
N ALA A 74 10.54 -3.65 25.21
CA ALA A 74 10.60 -5.06 25.67
C ALA A 74 9.20 -5.75 25.63
N ILE A 75 8.16 -4.98 25.99
CA ILE A 75 6.79 -5.48 25.93
C ILE A 75 6.38 -5.75 24.47
N LEU A 76 6.70 -4.82 23.58
CA LEU A 76 6.36 -4.97 22.17
C LEU A 76 7.10 -6.14 21.55
N ARG A 77 8.40 -6.26 21.82
CA ARG A 77 9.19 -7.35 21.29
C ARG A 77 8.74 -8.70 21.81
N TYR A 78 8.20 -8.72 23.03
CA TYR A 78 7.67 -9.95 23.61
C TYR A 78 6.42 -10.46 22.88
N ILE A 79 5.43 -9.58 22.76
CA ILE A 79 4.19 -9.89 22.07
C ILE A 79 4.44 -10.17 20.59
N ALA A 80 5.38 -9.44 19.99
CA ALA A 80 5.75 -9.60 18.60
C ALA A 80 6.29 -11.00 18.36
N ARG A 81 7.24 -11.41 19.19
CA ARG A 81 7.83 -12.74 19.07
C ARG A 81 6.75 -13.78 19.31
N LYS A 82 5.90 -13.53 20.29
CA LYS A 82 4.81 -14.45 20.62
C LYS A 82 3.86 -14.68 19.47
N HIS A 83 3.84 -13.75 18.52
CA HIS A 83 2.95 -13.85 17.37
C HIS A 83 3.69 -13.78 16.06
N ASN A 84 5.01 -13.97 16.13
CA ASN A 84 5.87 -13.96 14.94
C ASN A 84 5.90 -12.64 14.12
N LEU A 85 5.56 -11.54 14.75
CA LEU A 85 5.55 -10.24 14.09
C LEU A 85 6.90 -9.50 14.17
N CYS A 86 7.98 -10.22 13.85
CA CYS A 86 9.32 -9.65 13.91
C CYS A 86 10.04 -9.91 12.59
N GLY A 87 11.18 -9.25 12.39
CA GLY A 87 11.97 -9.46 11.19
C GLY A 87 12.70 -10.78 11.29
N GLU A 88 12.80 -11.50 10.17
CA GLU A 88 13.47 -12.79 10.16
C GLU A 88 14.88 -12.71 9.64
N SER A 89 15.03 -12.21 8.42
CA SER A 89 16.37 -12.10 7.83
C SER A 89 17.20 -10.95 8.46
N GLU A 90 18.52 -11.12 8.50
CA GLU A 90 19.44 -10.13 9.06
C GLU A 90 19.12 -8.71 8.58
N LYS A 91 18.73 -8.57 7.32
CA LYS A 91 18.42 -7.28 6.75
C LYS A 91 17.20 -6.68 7.45
N GLU A 92 16.15 -7.48 7.58
CA GLU A 92 14.95 -7.04 8.25
C GLU A 92 15.26 -6.68 9.69
N GLN A 93 16.07 -7.51 10.33
CA GLN A 93 16.48 -7.30 11.73
C GLN A 93 17.25 -5.99 11.93
N ILE A 94 18.13 -5.67 10.98
CA ILE A 94 18.85 -4.40 11.03
C ILE A 94 17.89 -3.22 10.94
N ARG A 95 16.93 -3.29 10.00
CA ARG A 95 15.95 -2.23 9.84
C ARG A 95 15.15 -2.08 11.13
N GLU A 96 14.74 -3.23 11.66
CA GLU A 96 13.95 -3.32 12.89
C GLU A 96 14.64 -2.63 14.08
N ASP A 97 15.93 -2.89 14.24
CA ASP A 97 16.73 -2.34 15.33
C ASP A 97 16.95 -0.85 15.16
N ILE A 98 17.43 -0.43 13.99
CA ILE A 98 17.66 1.00 13.74
C ILE A 98 16.36 1.79 13.94
N LEU A 99 15.26 1.30 13.35
CA LEU A 99 13.97 1.97 13.42
C LEU A 99 13.46 2.06 14.84
N GLU A 100 13.50 0.94 15.58
CA GLU A 100 13.04 0.91 16.97
C GLU A 100 13.69 2.05 17.77
N ASN A 101 15.02 2.14 17.67
CA ASN A 101 15.75 3.18 18.36
C ASN A 101 15.44 4.59 17.77
N GLN A 102 15.52 4.70 16.46
CA GLN A 102 15.26 5.94 15.75
C GLN A 102 13.90 6.52 16.08
N PHE A 103 12.89 5.67 16.20
CA PHE A 103 11.53 6.10 16.50
C PHE A 103 11.35 6.51 17.97
N MET A 104 12.10 5.85 18.85
CA MET A 104 12.14 6.23 20.26
C MET A 104 12.74 7.64 20.34
N ASP A 105 13.73 7.91 19.50
CA ASP A 105 14.37 9.20 19.45
C ASP A 105 13.35 10.28 19.19
N SER A 106 12.59 10.14 18.11
CA SER A 106 11.57 11.11 17.76
C SER A 106 10.52 11.30 18.84
N ARG A 107 10.11 10.20 19.45
CA ARG A 107 9.13 10.21 20.54
C ARG A 107 9.58 11.10 21.70
N MET A 108 10.83 10.88 22.13
CA MET A 108 11.40 11.64 23.22
C MET A 108 11.59 13.11 22.86
N GLN A 109 11.86 13.37 21.59
CA GLN A 109 12.02 14.74 21.09
C GLN A 109 10.73 15.53 21.26
N LEU A 110 9.60 14.94 20.88
CA LEU A 110 8.32 15.59 21.03
C LEU A 110 7.93 15.68 22.51
N ALA A 111 8.11 14.57 23.24
CA ALA A 111 7.78 14.51 24.64
C ALA A 111 8.40 15.66 25.44
N LYS A 112 9.73 15.76 25.41
CA LYS A 112 10.47 16.79 26.13
C LYS A 112 9.93 18.18 25.80
N LEU A 113 9.67 18.42 24.52
CA LEU A 113 9.13 19.69 24.04
C LEU A 113 7.80 19.97 24.74
N CYS A 114 6.89 19.01 24.68
CA CYS A 114 5.57 19.19 25.24
C CYS A 114 5.53 19.33 26.75
N TYR A 115 6.60 18.90 27.43
CA TYR A 115 6.64 19.01 28.89
C TYR A 115 7.44 20.24 29.33
N ASP A 116 8.29 20.76 28.44
CA ASP A 116 9.10 21.94 28.74
C ASP A 116 8.26 23.21 28.83
N PRO A 117 8.38 23.94 29.97
CA PRO A 117 7.65 25.18 30.21
C PRO A 117 7.69 26.19 29.08
N ASP A 118 8.85 26.29 28.44
CA ASP A 118 9.03 27.23 27.33
C ASP A 118 8.44 26.73 26.00
N PHE A 119 7.41 25.89 26.08
CA PHE A 119 6.69 25.32 24.94
C PHE A 119 6.41 26.34 23.81
N GLU A 120 5.88 27.51 24.16
CA GLU A 120 5.56 28.57 23.20
C GLU A 120 6.72 28.90 22.26
N LYS A 121 7.90 29.17 22.84
CA LYS A 121 9.05 29.57 22.04
C LYS A 121 9.79 28.36 21.43
N LEU A 122 9.68 27.20 22.07
CA LEU A 122 10.34 26.00 21.59
C LEU A 122 9.58 25.33 20.43
N LYS A 123 8.27 25.50 20.41
CA LYS A 123 7.44 24.91 19.36
C LYS A 123 7.97 25.23 17.96
N PRO A 124 8.18 26.54 17.63
CA PRO A 124 8.71 26.87 16.30
C PRO A 124 10.01 26.17 15.95
N GLU A 125 10.91 26.13 16.93
CA GLU A 125 12.19 25.44 16.78
C GLU A 125 11.97 23.99 16.32
N TYR A 126 11.00 23.32 16.93
CA TYR A 126 10.64 21.96 16.59
C TYR A 126 10.01 21.88 15.19
N LEU A 127 9.00 22.71 14.95
CA LEU A 127 8.25 22.67 13.69
C LEU A 127 9.14 22.77 12.45
N GLN A 128 10.05 23.75 12.43
CA GLN A 128 10.92 23.92 11.27
C GLN A 128 11.91 22.74 11.07
N ALA A 129 12.23 22.04 12.15
CA ALA A 129 13.14 20.91 12.08
C ALA A 129 12.39 19.63 11.67
N LEU A 130 11.11 19.60 11.98
CA LEU A 130 10.28 18.43 11.70
C LEU A 130 10.39 17.82 10.28
N PRO A 131 10.26 18.67 9.21
CA PRO A 131 10.31 18.14 7.85
C PRO A 131 11.49 17.22 7.51
N GLU A 132 12.69 17.58 7.92
CA GLU A 132 13.86 16.76 7.64
C GLU A 132 13.73 15.40 8.31
N MET A 133 13.08 15.37 9.48
CA MET A 133 12.82 14.13 10.19
C MET A 133 11.93 13.22 9.36
N LEU A 134 10.76 13.76 8.97
CA LEU A 134 9.82 13.02 8.17
C LEU A 134 10.38 12.60 6.81
N LYS A 135 11.27 13.41 6.26
CA LYS A 135 11.89 13.12 4.98
C LYS A 135 12.63 11.79 5.05
N LEU A 136 13.42 11.61 6.10
CA LEU A 136 14.21 10.40 6.31
C LEU A 136 13.34 9.14 6.44
N TYR A 137 12.22 9.27 7.15
CA TYR A 137 11.29 8.16 7.30
C TYR A 137 10.56 7.84 5.99
N SER A 138 10.18 8.88 5.25
CA SER A 138 9.55 8.70 3.94
C SER A 138 10.48 7.98 2.99
N GLN A 139 11.72 8.46 2.90
CA GLN A 139 12.69 7.84 2.04
C GLN A 139 12.90 6.40 2.43
N PHE A 140 13.02 6.14 3.72
CA PHE A 140 13.24 4.78 4.20
C PHE A 140 12.10 3.84 3.82
N LEU A 141 10.87 4.33 4.01
CA LEU A 141 9.68 3.58 3.66
C LEU A 141 9.64 3.28 2.17
N GLY A 142 9.89 4.33 1.37
CA GLY A 142 9.89 4.18 -0.07
C GLY A 142 8.52 3.84 -0.57
N LYS A 143 8.40 2.89 -1.49
CA LYS A 143 7.12 2.44 -2.03
C LYS A 143 6.64 1.14 -1.38
N GLN A 144 7.21 0.81 -0.22
CA GLN A 144 6.87 -0.43 0.49
C GLN A 144 5.57 -0.18 1.23
N PRO A 145 4.75 -1.24 1.41
CA PRO A 145 3.53 -1.11 2.21
C PRO A 145 3.80 -0.92 3.71
N TRP A 146 4.83 -1.59 4.19
CA TRP A 146 5.20 -1.56 5.59
C TRP A 146 6.69 -1.39 5.70
N PHE A 147 7.16 -0.83 6.80
CA PHE A 147 8.57 -0.52 7.00
C PHE A 147 9.53 -1.67 6.86
N LEU A 148 9.10 -2.88 7.21
CA LEU A 148 9.96 -4.06 7.09
C LEU A 148 9.69 -4.85 5.79
N GLY A 149 9.09 -4.17 4.82
CA GLY A 149 8.75 -4.83 3.57
C GLY A 149 7.26 -5.04 3.41
N ASP A 150 6.90 -6.24 2.95
CA ASP A 150 5.50 -6.57 2.69
C ASP A 150 4.77 -7.00 3.93
N LYS A 151 5.54 -7.51 4.90
CA LYS A 151 4.97 -8.03 6.15
C LYS A 151 4.96 -6.93 7.20
N ILE A 152 3.82 -6.81 7.89
CA ILE A 152 3.68 -5.83 8.96
C ILE A 152 4.30 -6.40 10.23
N THR A 153 5.22 -5.66 10.83
CA THR A 153 5.88 -6.12 12.03
C THR A 153 5.57 -5.14 13.17
N PHE A 154 6.06 -5.42 14.37
CA PHE A 154 5.81 -4.56 15.51
C PHE A 154 6.29 -3.13 15.34
N VAL A 155 7.32 -2.95 14.52
CA VAL A 155 7.93 -1.64 14.26
C VAL A 155 6.89 -0.66 13.69
N ASP A 156 5.98 -1.17 12.84
CA ASP A 156 4.93 -0.35 12.26
C ASP A 156 3.98 0.25 13.30
N PHE A 157 3.79 -0.44 14.42
CA PHE A 157 2.93 0.05 15.48
C PHE A 157 3.59 1.22 16.25
N ILE A 158 4.92 1.22 16.27
CA ILE A 158 5.67 2.32 16.88
C ILE A 158 5.57 3.50 15.91
N ALA A 159 5.77 3.19 14.63
CA ALA A 159 5.71 4.17 13.55
C ALA A 159 4.39 4.93 13.55
N TYR A 160 3.30 4.19 13.48
CA TYR A 160 1.97 4.78 13.47
C TYR A 160 1.81 5.76 14.63
N ASP A 161 2.18 5.32 15.83
CA ASP A 161 2.00 6.12 17.02
C ASP A 161 2.71 7.45 16.86
N VAL A 162 4.01 7.44 16.58
CA VAL A 162 4.80 8.68 16.51
C VAL A 162 4.39 9.57 15.34
N LEU A 163 4.20 9.01 14.16
CA LEU A 163 3.80 9.76 12.96
C LEU A 163 2.41 10.37 13.14
N GLU A 164 1.42 9.55 13.51
CA GLU A 164 0.06 10.00 13.71
C GLU A 164 0.04 11.08 14.79
N ARG A 165 0.83 10.90 15.86
CA ARG A 165 0.90 11.85 16.96
C ARG A 165 1.46 13.19 16.50
N ASN A 166 2.44 13.17 15.60
CA ASN A 166 2.99 14.39 15.04
C ASN A 166 1.95 15.09 14.20
N GLN A 167 1.17 14.31 13.47
CA GLN A 167 0.09 14.86 12.66
C GLN A 167 -0.98 15.55 13.50
N VAL A 168 -1.29 15.04 14.67
CA VAL A 168 -2.26 15.71 15.52
C VAL A 168 -1.65 16.99 16.07
N PHE A 169 -0.34 16.99 16.22
CA PHE A 169 0.37 18.16 16.73
C PHE A 169 0.40 19.25 15.66
N GLU A 170 0.49 18.82 14.40
CA GLU A 170 0.47 19.71 13.25
C GLU A 170 -0.06 18.96 12.02
N PRO A 171 -1.37 19.10 11.74
CA PRO A 171 -2.09 18.39 10.70
C PRO A 171 -1.41 18.36 9.34
N SER A 172 -0.84 19.48 8.92
CA SER A 172 -0.25 19.54 7.60
C SER A 172 1.15 18.92 7.45
N CYS A 173 1.74 18.45 8.56
CA CYS A 173 3.12 17.96 8.51
C CYS A 173 3.30 16.81 7.49
N LEU A 174 2.33 15.90 7.44
CA LEU A 174 2.48 14.75 6.55
C LEU A 174 1.98 14.98 5.11
N ASP A 175 1.46 16.19 4.82
CA ASP A 175 0.94 16.51 3.50
C ASP A 175 2.02 16.43 2.43
N ALA A 176 3.16 17.04 2.74
CA ALA A 176 4.29 17.06 1.83
C ALA A 176 4.90 15.67 1.66
N PHE A 177 4.41 14.71 2.43
CA PHE A 177 4.94 13.35 2.39
C PHE A 177 3.77 12.39 2.27
N PRO A 178 3.13 12.34 1.08
CA PRO A 178 1.97 11.47 0.84
C PRO A 178 2.25 10.01 1.18
N ASN A 179 3.50 9.61 0.99
CA ASN A 179 4.01 8.29 1.35
C ASN A 179 3.60 7.89 2.79
N LEU A 180 3.95 8.76 3.73
CA LEU A 180 3.68 8.56 5.13
C LEU A 180 2.21 8.72 5.46
N LYS A 181 1.55 9.68 4.79
CA LYS A 181 0.12 9.89 4.98
C LYS A 181 -0.74 8.65 4.60
N ASP A 182 -0.32 7.98 3.53
CA ASP A 182 -0.97 6.75 3.11
C ASP A 182 -0.76 5.58 4.05
N PHE A 183 0.39 5.60 4.72
CA PHE A 183 0.73 4.61 5.73
C PHE A 183 -0.32 4.62 6.84
N ILE A 184 -0.51 5.78 7.46
CA ILE A 184 -1.48 5.93 8.54
C ILE A 184 -2.83 5.36 8.12
N SER A 185 -3.28 5.75 6.91
CA SER A 185 -4.57 5.29 6.37
C SER A 185 -4.62 3.78 6.28
N ARG A 186 -3.60 3.21 5.67
CA ARG A 186 -3.51 1.78 5.48
C ARG A 186 -3.56 1.06 6.83
N PHE A 187 -2.88 1.63 7.82
CA PHE A 187 -2.81 1.04 9.15
C PHE A 187 -4.17 1.06 9.81
N GLU A 188 -4.79 2.24 9.81
CA GLU A 188 -6.12 2.37 10.42
C GLU A 188 -7.15 1.57 9.64
N GLY A 189 -6.79 1.22 8.41
CA GLY A 189 -7.65 0.42 7.57
C GLY A 189 -7.64 -1.04 7.86
N LEU A 190 -6.73 -1.49 8.73
CA LEU A 190 -6.69 -2.90 9.08
C LEU A 190 -7.93 -3.25 9.88
N GLU A 191 -8.61 -4.32 9.49
CA GLU A 191 -9.86 -4.72 10.11
C GLU A 191 -9.87 -4.62 11.64
N LYS A 192 -8.91 -5.27 12.30
CA LYS A 192 -8.79 -5.31 13.75
C LYS A 192 -8.53 -3.92 14.34
N ILE A 193 -7.77 -3.09 13.62
CA ILE A 193 -7.43 -1.76 14.09
C ILE A 193 -8.69 -0.90 14.02
N SER A 194 -9.35 -0.90 12.86
CA SER A 194 -10.56 -0.08 12.64
C SER A 194 -11.66 -0.45 13.64
N ALA A 195 -11.84 -1.75 13.83
CA ALA A 195 -12.78 -2.26 14.82
C ALA A 195 -12.44 -1.71 16.21
N TYR A 196 -11.20 -1.85 16.64
CA TYR A 196 -10.74 -1.34 17.92
C TYR A 196 -10.96 0.17 18.02
N MET A 197 -10.77 0.90 16.93
CA MET A 197 -10.91 2.34 16.94
C MET A 197 -12.37 2.76 17.08
N LYS A 198 -13.28 1.82 16.82
CA LYS A 198 -14.71 2.07 17.00
C LYS A 198 -15.09 1.72 18.43
N SER A 199 -14.26 0.90 19.06
CA SER A 199 -14.50 0.43 20.43
C SER A 199 -14.27 1.56 21.45
N SER A 200 -14.92 1.43 22.60
CA SER A 200 -14.83 2.42 23.66
C SER A 200 -13.46 2.32 24.33
N ARG A 201 -12.79 1.19 24.13
CA ARG A 201 -11.47 0.96 24.71
C ARG A 201 -10.34 1.66 23.96
N PHE A 202 -10.68 2.56 23.03
CA PHE A 202 -9.67 3.17 22.19
C PHE A 202 -8.70 4.11 22.92
N LEU A 203 -9.25 5.17 23.53
CA LEU A 203 -8.40 6.13 24.27
C LEU A 203 -7.23 6.70 23.39
N PRO A 204 -7.57 7.56 22.40
CA PRO A 204 -6.56 8.17 21.54
C PRO A 204 -5.89 9.35 22.19
N ARG A 205 -6.58 9.96 23.13
CA ARG A 205 -6.11 11.14 23.84
C ARG A 205 -6.63 11.00 25.27
N PRO A 206 -6.06 11.77 26.25
CA PRO A 206 -4.93 12.68 26.11
C PRO A 206 -3.65 12.01 25.71
N VAL A 207 -2.74 12.82 25.14
CA VAL A 207 -1.47 12.31 24.61
C VAL A 207 -0.48 12.08 25.74
N PHE A 208 -0.33 13.07 26.64
CA PHE A 208 0.63 13.02 27.74
C PHE A 208 -0.08 13.09 29.10
N THR A 209 0.70 13.05 30.17
CA THR A 209 0.14 13.12 31.52
C THR A 209 -0.30 14.56 31.83
N LYS A 210 -1.23 14.69 32.77
CA LYS A 210 -1.77 15.99 33.19
C LYS A 210 -0.73 17.10 33.41
N MET A 211 0.50 16.73 33.70
CA MET A 211 1.53 17.73 33.97
C MET A 211 2.32 18.20 32.73
N ALA A 212 1.84 17.87 31.53
CA ALA A 212 2.47 18.30 30.29
C ALA A 212 1.91 19.63 29.89
N VAL A 213 2.73 20.47 29.27
CA VAL A 213 2.26 21.79 28.82
C VAL A 213 1.31 21.63 27.60
N TRP A 214 1.60 20.66 26.74
CA TRP A 214 0.76 20.37 25.59
C TRP A 214 0.25 18.94 25.69
N GLY A 215 -0.96 18.73 25.19
CA GLY A 215 -1.54 17.41 25.10
C GLY A 215 -1.70 16.75 26.44
N ASN A 216 -1.89 17.55 27.49
CA ASN A 216 -2.01 17.06 28.85
C ASN A 216 -3.42 16.58 29.05
N LYS A 217 -3.88 16.61 30.32
CA LYS A 217 -5.19 16.14 30.77
C LYS A 217 -5.14 14.65 31.11
N SER B 1 41.93 -15.11 7.09
CA SER B 1 41.27 -14.54 8.32
C SER B 1 39.99 -13.85 7.93
N CYS B 2 39.23 -13.32 8.91
CA CYS B 2 37.98 -12.63 8.66
C CYS B 2 38.23 -11.39 7.83
N GLU B 3 39.23 -10.59 8.25
CA GLU B 3 39.63 -9.35 7.58
C GLU B 3 38.47 -8.45 7.09
N SER B 4 37.47 -8.26 7.95
CA SER B 4 36.30 -7.47 7.60
C SER B 4 36.66 -5.98 7.57
N SER B 5 37.49 -5.56 8.51
CA SER B 5 37.89 -4.16 8.65
C SER B 5 36.72 -3.17 8.63
N MET B 6 35.58 -3.62 9.15
CA MET B 6 34.41 -2.77 9.24
C MET B 6 34.77 -1.49 9.97
N VAL B 7 34.37 -0.34 9.46
CA VAL B 7 34.77 0.91 10.07
C VAL B 7 33.73 1.36 11.10
N LEU B 8 34.22 1.70 12.28
CA LEU B 8 33.42 2.24 13.38
C LEU B 8 33.70 3.74 13.43
N GLY B 9 32.66 4.55 13.28
CA GLY B 9 32.86 5.98 13.32
C GLY B 9 32.16 6.56 14.51
N TYR B 10 32.88 7.44 15.22
CA TYR B 10 32.37 8.10 16.44
C TYR B 10 33.37 9.18 16.84
N TRP B 11 33.02 9.95 17.87
CA TRP B 11 33.92 10.97 18.37
C TRP B 11 35.13 10.30 19.02
N ASP B 12 36.15 11.11 19.30
CA ASP B 12 37.36 10.64 19.96
C ASP B 12 37.06 10.60 21.48
N ILE B 13 35.96 9.95 21.83
CA ILE B 13 35.45 9.93 23.19
C ILE B 13 35.01 8.49 23.44
N ARG B 14 35.04 8.10 24.71
CA ARG B 14 34.56 6.79 25.16
C ARG B 14 33.08 6.70 24.90
N GLY B 15 32.31 7.55 25.60
CA GLY B 15 30.87 7.65 25.41
C GLY B 15 30.11 6.42 24.98
N LEU B 16 29.24 6.56 23.97
CA LEU B 16 28.42 5.45 23.48
C LEU B 16 29.17 4.32 22.81
N ALA B 17 30.34 4.60 22.25
CA ALA B 17 31.05 3.59 21.49
C ALA B 17 31.84 2.61 22.36
N HIS B 18 31.97 2.92 23.64
CA HIS B 18 32.70 2.06 24.59
C HIS B 18 32.24 0.61 24.63
N ALA B 19 30.93 0.38 24.72
CA ALA B 19 30.41 -0.99 24.71
C ALA B 19 30.62 -1.70 23.37
N ILE B 20 30.60 -0.93 22.28
CA ILE B 20 30.78 -1.45 20.93
C ILE B 20 32.24 -1.86 20.70
N ARG B 21 33.17 -0.99 21.11
CA ARG B 21 34.60 -1.27 21.00
C ARG B 21 34.97 -2.55 21.76
N LEU B 22 34.45 -2.67 22.99
CA LEU B 22 34.65 -3.85 23.83
C LEU B 22 34.09 -5.14 23.21
N LEU B 23 32.87 -5.06 22.68
CA LEU B 23 32.25 -6.18 22.00
C LEU B 23 33.07 -6.63 20.80
N LEU B 24 33.49 -5.66 19.98
CA LEU B 24 34.31 -5.95 18.80
C LEU B 24 35.60 -6.67 19.19
N GLU B 25 36.27 -6.14 20.22
CA GLU B 25 37.50 -6.72 20.74
C GLU B 25 37.27 -8.16 21.19
N PHE B 26 36.34 -8.32 22.13
CA PHE B 26 35.98 -9.62 22.67
C PHE B 26 35.75 -10.69 21.59
N THR B 27 34.94 -10.37 20.59
CA THR B 27 34.58 -11.33 19.56
C THR B 27 35.61 -11.45 18.45
N ASP B 28 36.79 -10.87 18.66
CA ASP B 28 37.87 -10.87 17.66
C ASP B 28 37.42 -10.33 16.29
N THR B 29 36.53 -9.35 16.30
CA THR B 29 36.01 -8.79 15.06
C THR B 29 36.98 -7.77 14.51
N SER B 30 37.50 -8.05 13.32
CA SER B 30 38.43 -7.14 12.63
C SER B 30 37.74 -5.85 12.20
N TYR B 31 38.17 -4.72 12.78
CA TYR B 31 37.55 -3.46 12.50
C TYR B 31 38.55 -2.32 12.42
N GLU B 32 38.14 -1.27 11.72
CA GLU B 32 38.96 -0.07 11.59
C GLU B 32 38.15 1.02 12.26
N GLU B 33 38.79 1.95 12.95
CA GLU B 33 38.06 2.97 13.67
C GLU B 33 38.33 4.35 13.11
N LYS B 34 37.30 5.18 13.09
CA LYS B 34 37.39 6.54 12.61
C LYS B 34 36.89 7.46 13.71
N ARG B 35 37.83 8.23 14.28
CA ARG B 35 37.52 9.12 15.39
C ARG B 35 37.36 10.56 14.91
N TYR B 36 36.31 11.22 15.38
CA TYR B 36 36.04 12.60 14.99
C TYR B 36 36.40 13.49 16.15
N THR B 37 37.17 14.54 15.89
CA THR B 37 37.55 15.52 16.91
C THR B 37 36.50 16.61 16.99
N CYS B 38 36.44 17.25 18.15
CA CYS B 38 35.50 18.35 18.38
C CYS B 38 36.31 19.60 18.76
N GLY B 39 35.65 20.76 18.70
CA GLY B 39 36.30 22.01 19.06
C GLY B 39 36.32 22.11 20.56
N GLU B 40 37.41 22.60 21.13
CA GLU B 40 37.54 22.78 22.58
C GLU B 40 37.17 24.21 23.01
N ALA B 41 37.24 25.14 22.06
CA ALA B 41 36.96 26.55 22.31
C ALA B 41 35.44 26.69 22.54
N PRO B 42 34.98 27.88 23.02
CA PRO B 42 33.54 28.10 23.23
C PRO B 42 32.68 27.64 22.09
N ASP B 43 33.20 27.77 20.89
CA ASP B 43 32.55 27.28 19.68
C ASP B 43 33.07 25.85 19.51
N TYR B 44 32.31 24.89 20.03
CA TYR B 44 32.69 23.48 19.93
C TYR B 44 32.56 22.98 18.48
N ASP B 45 33.51 23.38 17.66
CA ASP B 45 33.50 23.09 16.22
C ASP B 45 33.45 21.60 15.93
N ARG B 46 32.27 21.14 15.50
CA ARG B 46 32.07 19.73 15.15
C ARG B 46 31.93 19.53 13.62
N SER B 47 32.50 20.46 12.86
CA SER B 47 32.44 20.41 11.40
C SER B 47 33.07 19.15 10.86
N GLN B 48 34.11 18.65 11.53
CA GLN B 48 34.80 17.42 11.13
C GLN B 48 33.84 16.29 10.85
N TRP B 49 32.73 16.26 11.57
CA TRP B 49 31.69 15.27 11.38
C TRP B 49 30.75 15.76 10.27
N LEU B 50 30.23 16.96 10.45
CA LEU B 50 29.27 17.56 9.54
C LEU B 50 29.67 17.54 8.05
N ASP B 51 30.98 17.62 7.76
CA ASP B 51 31.45 17.62 6.38
C ASP B 51 31.16 16.29 5.69
N VAL B 52 31.42 15.18 6.38
CA VAL B 52 31.21 13.88 5.77
C VAL B 52 29.86 13.29 6.13
N LYS B 53 29.15 13.92 7.05
CA LYS B 53 27.86 13.43 7.54
C LYS B 53 26.92 12.87 6.46
N PHE B 54 26.73 13.64 5.38
CA PHE B 54 25.80 13.26 4.32
C PHE B 54 26.48 12.59 3.14
N LYS B 55 27.66 12.03 3.36
CA LYS B 55 28.43 11.38 2.29
C LYS B 55 28.76 9.93 2.61
N LEU B 56 28.20 9.40 3.69
CA LEU B 56 28.49 8.04 4.12
C LEU B 56 27.43 7.03 3.70
N ASP B 57 26.42 7.51 3.00
CA ASP B 57 25.29 6.66 2.57
C ASP B 57 24.52 6.04 3.74
N LEU B 58 24.31 6.81 4.79
CA LEU B 58 23.59 6.33 5.96
C LEU B 58 22.13 6.79 5.82
N ASP B 59 21.21 5.86 6.10
CA ASP B 59 19.79 6.14 6.02
C ASP B 59 19.37 7.19 7.04
N PHE B 60 20.03 7.20 8.19
CA PHE B 60 19.77 8.20 9.21
C PHE B 60 21.17 8.53 9.71
N PRO B 61 21.81 9.57 9.13
CA PRO B 61 23.15 10.00 9.51
C PRO B 61 23.23 10.30 10.99
N ASN B 62 24.16 9.61 11.67
CA ASN B 62 24.27 9.71 13.11
C ASN B 62 25.61 9.13 13.54
N LEU B 63 25.91 9.29 14.83
CA LEU B 63 27.12 8.76 15.45
C LEU B 63 26.75 8.04 16.77
N PRO B 64 27.32 6.83 16.99
CA PRO B 64 28.23 6.14 16.11
C PRO B 64 27.58 5.52 14.89
N TYR B 65 28.42 5.07 13.95
CA TYR B 65 27.95 4.36 12.79
C TYR B 65 28.93 3.22 12.54
N LEU B 66 28.45 2.15 11.91
CA LEU B 66 29.27 1.01 11.60
C LEU B 66 28.99 0.70 10.13
N LEU B 67 30.08 0.58 9.36
CA LEU B 67 29.99 0.24 7.95
C LEU B 67 30.63 -1.12 7.81
N ASP B 68 29.82 -2.14 7.62
CA ASP B 68 30.29 -3.49 7.38
C ASP B 68 29.89 -3.87 5.95
N GLY B 69 30.73 -3.48 5.00
CA GLY B 69 30.48 -3.76 3.59
C GLY B 69 29.16 -3.13 3.15
N LYS B 70 28.21 -3.97 2.74
CA LYS B 70 26.93 -3.49 2.26
C LYS B 70 25.99 -3.12 3.39
N ASN B 71 26.37 -3.45 4.62
CA ASN B 71 25.54 -3.16 5.78
C ASN B 71 26.06 -1.93 6.53
N LYS B 72 25.30 -0.85 6.43
CA LYS B 72 25.64 0.38 7.13
C LYS B 72 24.60 0.62 8.23
N ILE B 73 25.06 0.58 9.48
CA ILE B 73 24.16 0.67 10.64
C ILE B 73 24.42 1.95 11.43
N THR B 74 23.37 2.47 12.06
CA THR B 74 23.43 3.60 12.98
C THR B 74 22.57 3.21 14.17
N GLN B 75 22.64 4.04 15.23
CA GLN B 75 21.98 3.77 16.53
C GLN B 75 22.73 2.66 17.32
N SER B 76 23.33 3.06 18.44
CA SER B 76 24.13 2.19 19.31
C SER B 76 23.60 0.78 19.51
N ASN B 77 22.34 0.66 19.94
CA ASN B 77 21.74 -0.62 20.23
C ASN B 77 21.57 -1.49 19.00
N ALA B 78 21.44 -0.86 17.83
CA ALA B 78 21.35 -1.57 16.56
C ALA B 78 22.70 -2.12 16.14
N ILE B 79 23.77 -1.38 16.46
CA ILE B 79 25.13 -1.81 16.18
C ILE B 79 25.51 -2.99 17.07
N LEU B 80 25.24 -2.84 18.37
CA LEU B 80 25.51 -3.91 19.35
C LEU B 80 24.77 -5.17 19.02
N ARG B 81 23.47 -5.04 18.80
CA ARG B 81 22.66 -6.18 18.40
C ARG B 81 23.20 -6.84 17.14
N TYR B 82 23.60 -6.05 16.15
CA TYR B 82 24.10 -6.55 14.87
C TYR B 82 25.31 -7.45 15.05
N ILE B 83 26.39 -6.88 15.61
CA ILE B 83 27.63 -7.60 15.85
C ILE B 83 27.39 -8.83 16.74
N ALA B 84 26.65 -8.62 17.84
CA ALA B 84 26.35 -9.70 18.78
C ALA B 84 25.60 -10.86 18.09
N ARG B 85 24.60 -10.51 17.28
CA ARG B 85 23.80 -11.49 16.56
C ARG B 85 24.70 -12.39 15.73
N LYS B 86 25.71 -11.80 15.11
CA LYS B 86 26.64 -12.54 14.25
C LYS B 86 27.46 -13.55 15.05
N HIS B 87 27.57 -13.34 16.35
CA HIS B 87 28.34 -14.22 17.22
C HIS B 87 27.45 -14.95 18.22
N ASN B 88 26.13 -14.96 17.96
CA ASN B 88 25.14 -15.57 18.85
C ASN B 88 25.21 -15.10 20.30
N MET B 89 25.48 -13.82 20.52
CA MET B 89 25.57 -13.27 21.86
C MET B 89 24.29 -12.50 22.19
N CYS B 90 23.17 -13.19 21.97
CA CYS B 90 21.85 -12.67 22.32
C CYS B 90 21.17 -13.84 23.05
N GLY B 91 20.07 -13.57 23.75
CA GLY B 91 19.41 -14.64 24.46
C GLY B 91 18.94 -15.75 23.51
N GLU B 92 19.15 -17.01 23.89
CA GLU B 92 18.68 -18.13 23.08
C GLU B 92 17.27 -18.57 23.44
N THR B 93 16.95 -18.55 24.72
CA THR B 93 15.63 -18.97 25.18
C THR B 93 14.74 -17.73 25.37
N GLU B 94 13.43 -17.93 25.35
CA GLU B 94 12.47 -16.85 25.56
C GLU B 94 12.75 -16.08 26.84
N GLU B 95 13.11 -16.80 27.90
CA GLU B 95 13.44 -16.20 29.18
C GLU B 95 14.68 -15.29 29.08
N GLU B 96 15.71 -15.74 28.35
CA GLU B 96 16.92 -14.94 28.19
C GLU B 96 16.64 -13.72 27.32
N LYS B 97 15.85 -13.89 26.28
CA LYS B 97 15.49 -12.79 25.39
C LYS B 97 14.78 -11.68 26.13
N ILE B 98 13.81 -12.05 26.97
CA ILE B 98 13.08 -11.09 27.77
C ILE B 98 14.04 -10.26 28.62
N ARG B 99 14.95 -10.95 29.32
CA ARG B 99 15.95 -10.27 30.17
C ARG B 99 16.79 -9.29 29.34
N VAL B 100 17.29 -9.74 28.19
CA VAL B 100 18.11 -8.93 27.31
C VAL B 100 17.33 -7.63 26.94
N ASP B 101 16.09 -7.78 26.47
CA ASP B 101 15.27 -6.65 26.05
C ASP B 101 14.99 -5.67 27.17
N ILE B 102 14.76 -6.20 28.38
CA ILE B 102 14.54 -5.32 29.55
C ILE B 102 15.82 -4.56 29.91
N ILE B 103 16.95 -5.27 29.95
CA ILE B 103 18.22 -4.65 30.31
C ILE B 103 18.57 -3.56 29.33
N GLU B 104 18.58 -3.91 28.05
CA GLU B 104 18.88 -2.95 26.99
C GLU B 104 18.16 -1.61 27.15
N ASN B 105 16.86 -1.66 27.39
CA ASN B 105 16.10 -0.45 27.57
C ASN B 105 16.33 0.17 28.96
N GLN B 106 16.55 -0.65 29.97
CA GLN B 106 16.81 -0.17 31.33
C GLN B 106 18.11 0.63 31.43
N VAL B 107 19.22 0.08 30.92
CA VAL B 107 20.51 0.80 30.91
C VAL B 107 20.41 2.10 30.11
N MET B 108 19.48 2.16 29.16
CA MET B 108 19.24 3.37 28.39
C MET B 108 18.69 4.43 29.32
N ASP B 109 17.69 4.06 30.13
CA ASP B 109 17.09 4.98 31.11
C ASP B 109 18.12 5.48 32.10
N PHE B 110 18.93 4.55 32.59
CA PHE B 110 19.99 4.85 33.53
C PHE B 110 21.00 5.83 32.96
N ARG B 111 21.61 5.44 31.82
CA ARG B 111 22.60 6.26 31.13
C ARG B 111 22.14 7.66 30.81
N THR B 112 20.89 7.79 30.37
CA THR B 112 20.31 9.08 30.03
C THR B 112 20.39 10.01 31.23
N GLN B 113 19.98 9.53 32.40
CA GLN B 113 20.03 10.36 33.58
C GLN B 113 21.45 10.86 33.85
N LEU B 114 22.43 9.98 33.75
CA LEU B 114 23.82 10.31 33.98
C LEU B 114 24.32 11.33 32.98
N ILE B 115 24.08 11.09 31.68
CA ILE B 115 24.50 12.02 30.61
C ILE B 115 23.95 13.40 30.91
N ARG B 116 22.65 13.45 31.20
CA ARG B 116 21.95 14.69 31.53
C ARG B 116 22.66 15.38 32.69
N LEU B 117 22.91 14.65 33.78
CA LEU B 117 23.58 15.16 34.96
C LEU B 117 24.99 15.68 34.64
N CYS B 118 25.75 14.93 33.83
CA CYS B 118 27.13 15.26 33.52
C CYS B 118 27.28 16.41 32.53
N TYR B 119 26.37 16.52 31.56
CA TYR B 119 26.45 17.56 30.55
C TYR B 119 25.82 18.88 31.03
N SER B 120 24.77 18.78 31.85
CA SER B 120 24.05 19.96 32.34
C SER B 120 25.02 20.93 33.03
N SER B 121 24.74 22.22 32.88
CA SER B 121 25.53 23.25 33.55
C SER B 121 25.28 23.17 35.06
N ASP B 122 24.07 22.80 35.42
CA ASP B 122 23.67 22.64 36.82
C ASP B 122 24.22 21.37 37.45
N HIS B 123 25.14 20.72 36.74
CA HIS B 123 25.78 19.46 37.16
C HIS B 123 26.05 19.39 38.66
N GLU B 124 26.58 20.48 39.23
CA GLU B 124 26.93 20.51 40.65
C GLU B 124 25.71 20.42 41.58
N LYS B 125 24.74 21.31 41.39
CA LYS B 125 23.55 21.33 42.24
C LYS B 125 22.70 20.07 42.05
N LEU B 126 22.77 19.48 40.85
CA LEU B 126 22.03 18.27 40.54
C LEU B 126 22.75 17.02 41.03
N LYS B 127 24.08 17.12 41.12
CA LYS B 127 24.95 16.03 41.58
C LYS B 127 24.42 15.29 42.81
N PRO B 128 24.14 16.03 43.92
CA PRO B 128 23.59 15.38 45.11
C PRO B 128 22.31 14.56 44.87
N GLN B 129 21.40 15.10 44.07
CA GLN B 129 20.15 14.44 43.77
C GLN B 129 20.43 13.08 43.12
N TYR B 130 21.29 13.09 42.10
CA TYR B 130 21.64 11.86 41.40
C TYR B 130 22.20 10.81 42.36
N LEU B 131 23.08 11.26 43.26
CA LEU B 131 23.71 10.36 44.23
C LEU B 131 22.70 9.79 45.21
N GLU B 132 21.79 10.62 45.73
CA GLU B 132 20.82 10.16 46.72
C GLU B 132 19.85 9.14 46.11
N GLU B 133 19.73 9.17 44.78
CA GLU B 133 18.87 8.26 44.06
C GLU B 133 19.63 7.06 43.49
N LEU B 134 20.94 7.18 43.43
CA LEU B 134 21.79 6.16 42.83
C LEU B 134 21.68 4.76 43.45
N PRO B 135 21.85 4.65 44.80
CA PRO B 135 21.80 3.33 45.45
C PRO B 135 20.53 2.54 45.12
N GLY B 136 19.40 3.22 44.97
CA GLY B 136 18.15 2.56 44.60
C GLY B 136 18.23 1.86 43.26
N GLN B 137 18.81 2.52 42.27
CA GLN B 137 18.95 1.96 40.95
C GLN B 137 19.93 0.79 40.96
N LEU B 138 21.08 0.96 41.62
CA LEU B 138 22.07 -0.10 41.72
C LEU B 138 21.48 -1.32 42.44
N LYS B 139 20.64 -1.03 43.42
CA LYS B 139 19.96 -2.06 44.19
C LYS B 139 19.19 -2.96 43.26
N GLN B 140 18.40 -2.36 42.36
CA GLN B 140 17.58 -3.12 41.44
C GLN B 140 18.37 -4.01 40.51
N PHE B 141 19.55 -3.53 40.10
CA PHE B 141 20.46 -4.29 39.21
C PHE B 141 21.02 -5.51 39.94
N SER B 142 21.35 -5.33 41.21
CA SER B 142 21.83 -6.43 42.04
C SER B 142 20.75 -7.48 42.27
N MET B 143 19.55 -7.01 42.61
CA MET B 143 18.39 -7.86 42.81
C MET B 143 18.08 -8.66 41.53
N PHE B 144 18.14 -8.01 40.36
CA PHE B 144 17.91 -8.65 39.07
C PHE B 144 18.97 -9.67 38.69
N LEU B 145 20.23 -9.33 38.89
CA LEU B 145 21.37 -10.23 38.61
C LEU B 145 21.28 -11.54 39.45
N GLY B 146 21.13 -11.36 40.77
CA GLY B 146 21.01 -12.49 41.69
C GLY B 146 22.24 -13.34 41.64
N LYS B 147 22.05 -14.65 41.53
CA LYS B 147 23.14 -15.62 41.57
C LYS B 147 23.63 -15.97 40.15
N PHE B 148 23.20 -15.23 39.14
CA PHE B 148 23.59 -15.53 37.78
C PHE B 148 25.01 -15.02 37.55
N SER B 149 25.66 -15.57 36.53
CA SER B 149 26.99 -15.10 36.14
C SER B 149 26.90 -13.82 35.30
N TRP B 150 25.85 -13.75 34.50
CA TRP B 150 25.62 -12.63 33.60
C TRP B 150 24.18 -12.21 33.74
N PHE B 151 23.86 -11.00 33.30
CA PHE B 151 22.49 -10.48 33.39
C PHE B 151 21.46 -11.28 32.59
N ALA B 152 21.93 -11.97 31.56
CA ALA B 152 21.05 -12.82 30.75
C ALA B 152 20.90 -14.25 31.36
N GLY B 153 21.39 -14.41 32.58
CA GLY B 153 21.39 -15.74 33.19
C GLY B 153 22.80 -16.30 33.18
N GLU B 154 22.97 -17.42 32.50
CA GLU B 154 24.26 -18.10 32.44
C GLU B 154 24.88 -18.01 31.03
N LYS B 155 24.59 -16.92 30.33
CA LYS B 155 25.08 -16.73 28.97
C LYS B 155 25.50 -15.27 28.80
N LEU B 156 26.71 -15.08 28.27
CA LEU B 156 27.21 -13.72 28.04
C LEU B 156 26.53 -13.19 26.78
N THR B 157 25.90 -12.01 26.91
CA THR B 157 25.24 -11.38 25.77
C THR B 157 25.68 -9.91 25.67
N PHE B 158 25.22 -9.22 24.63
CA PHE B 158 25.61 -7.84 24.47
C PHE B 158 25.22 -6.95 25.67
N VAL B 159 24.14 -7.30 26.37
CA VAL B 159 23.67 -6.47 27.47
C VAL B 159 24.67 -6.35 28.61
N ASP B 160 25.56 -7.34 28.75
CA ASP B 160 26.60 -7.31 29.80
C ASP B 160 27.59 -6.20 29.50
N PHE B 161 27.92 -6.01 28.22
CA PHE B 161 28.82 -4.94 27.80
C PHE B 161 28.20 -3.59 28.11
N LEU B 162 26.90 -3.47 27.89
CA LEU B 162 26.15 -2.25 28.19
C LEU B 162 26.12 -2.00 29.69
N THR B 163 25.79 -3.02 30.47
CA THR B 163 25.68 -2.88 31.91
C THR B 163 27.02 -2.50 32.51
N TYR B 164 28.08 -3.15 32.03
CA TYR B 164 29.42 -2.85 32.51
C TYR B 164 29.75 -1.40 32.30
N ASP B 165 29.55 -0.89 31.09
CA ASP B 165 29.85 0.48 30.74
C ASP B 165 29.21 1.48 31.72
N ILE B 166 27.90 1.35 31.97
CA ILE B 166 27.19 2.28 32.83
C ILE B 166 27.56 2.10 34.33
N LEU B 167 27.77 0.86 34.77
CA LEU B 167 28.21 0.60 36.14
C LEU B 167 29.63 1.13 36.37
N ASP B 168 30.46 1.02 35.34
CA ASP B 168 31.82 1.54 35.40
C ASP B 168 31.80 3.04 35.54
N GLN B 169 31.07 3.74 34.68
CA GLN B 169 30.96 5.19 34.74
C GLN B 169 30.50 5.67 36.11
N ASN B 170 29.50 4.99 36.67
CA ASN B 170 29.01 5.32 37.99
C ASN B 170 30.07 5.05 39.05
N ARG B 171 30.80 3.93 38.88
CA ARG B 171 31.89 3.56 39.76
C ARG B 171 32.93 4.67 39.80
N ILE B 172 33.22 5.25 38.64
CA ILE B 172 34.16 6.35 38.50
C ILE B 172 33.65 7.60 39.20
N PHE B 173 32.35 7.85 39.08
CA PHE B 173 31.73 9.02 39.68
C PHE B 173 31.71 8.91 41.20
N ASP B 174 31.50 7.68 41.69
CA ASP B 174 31.48 7.42 43.12
C ASP B 174 31.93 5.99 43.38
N PRO B 175 33.25 5.79 43.63
CA PRO B 175 33.87 4.49 43.86
C PRO B 175 33.16 3.58 44.87
N LYS B 176 32.60 4.17 45.89
CA LYS B 176 31.94 3.43 46.94
C LYS B 176 30.57 2.89 46.60
N CYS B 177 29.94 3.38 45.54
CA CYS B 177 28.55 3.00 45.19
C CYS B 177 28.30 1.45 45.13
N LEU B 178 29.24 0.70 44.57
CA LEU B 178 29.07 -0.75 44.42
C LEU B 178 29.41 -1.53 45.68
N ASP B 179 30.00 -0.89 46.70
CA ASP B 179 30.45 -1.57 47.93
C ASP B 179 29.37 -2.39 48.60
N GLU B 180 28.22 -1.78 48.87
CA GLU B 180 27.11 -2.51 49.47
C GLU B 180 26.48 -3.56 48.56
N PHE B 181 27.04 -3.71 47.37
CA PHE B 181 26.53 -4.66 46.36
C PHE B 181 27.65 -5.60 45.87
N PRO B 182 28.11 -6.53 46.74
CA PRO B 182 29.20 -7.45 46.36
C PRO B 182 28.82 -8.29 45.15
N ASN B 183 27.54 -8.28 44.81
CA ASN B 183 27.02 -9.02 43.66
C ASN B 183 27.53 -8.39 42.38
N LEU B 184 27.35 -7.09 42.29
CA LEU B 184 27.77 -6.33 41.12
C LEU B 184 29.30 -6.34 40.98
N LYS B 185 29.98 -6.10 42.11
CA LYS B 185 31.44 -6.09 42.13
C LYS B 185 32.05 -7.38 41.55
N ALA B 186 31.41 -8.51 41.80
CA ALA B 186 31.89 -9.77 41.27
C ALA B 186 31.71 -9.80 39.78
N PHE B 187 30.62 -9.19 39.32
CA PHE B 187 30.32 -9.10 37.90
C PHE B 187 31.43 -8.31 37.18
N MET B 188 31.73 -7.11 37.70
CA MET B 188 32.77 -6.25 37.14
C MET B 188 34.13 -6.96 36.97
N CYS B 189 34.58 -7.68 38.00
CA CYS B 189 35.85 -8.41 37.95
C CYS B 189 35.77 -9.48 36.90
N ARG B 190 34.69 -10.28 36.94
CA ARG B 190 34.51 -11.39 36.02
C ARG B 190 34.54 -10.91 34.57
N PHE B 191 33.94 -9.75 34.30
CA PHE B 191 33.93 -9.14 32.98
C PHE B 191 35.33 -8.62 32.56
N GLU B 192 35.98 -7.85 33.44
CA GLU B 192 37.28 -7.29 33.12
C GLU B 192 38.34 -8.38 33.06
N ALA B 193 38.04 -9.57 33.56
CA ALA B 193 38.99 -10.67 33.58
C ALA B 193 39.06 -11.40 32.23
N LEU B 194 38.08 -11.15 31.38
CA LEU B 194 38.06 -11.79 30.08
C LEU B 194 39.25 -11.30 29.26
N GLU B 195 40.10 -12.24 28.85
CA GLU B 195 41.33 -11.98 28.09
C GLU B 195 41.30 -10.75 27.19
N LYS B 196 40.33 -10.70 26.28
CA LYS B 196 40.23 -9.60 25.31
C LYS B 196 39.94 -8.27 25.98
N ILE B 197 39.08 -8.30 27.00
CA ILE B 197 38.70 -7.08 27.71
C ILE B 197 39.88 -6.56 28.51
N ALA B 198 40.52 -7.46 29.28
CA ALA B 198 41.65 -7.10 30.13
C ALA B 198 42.75 -6.42 29.35
N ALA B 199 43.11 -7.02 28.21
CA ALA B 199 44.14 -6.47 27.33
C ALA B 199 43.79 -5.06 26.88
N TYR B 200 42.57 -4.90 26.38
CA TYR B 200 42.11 -3.61 25.89
C TYR B 200 42.07 -2.54 26.99
N LEU B 201 41.64 -2.93 28.19
CA LEU B 201 41.55 -1.99 29.30
C LEU B 201 42.93 -1.47 29.74
N GLN B 202 43.98 -2.23 29.46
CA GLN B 202 45.34 -1.81 29.76
C GLN B 202 45.96 -1.06 28.58
N SER B 203 45.25 -1.05 27.45
CA SER B 203 45.72 -0.43 26.22
C SER B 203 45.99 1.06 26.38
N ASP B 204 47.02 1.53 25.67
CA ASP B 204 47.42 2.93 25.68
C ASP B 204 46.28 3.91 25.28
N GLN B 205 45.76 3.78 24.05
CA GLN B 205 44.73 4.69 23.55
C GLN B 205 43.53 4.75 24.49
N PHE B 206 43.17 3.61 25.09
CA PHE B 206 42.04 3.54 26.01
C PHE B 206 42.21 4.53 27.16
N CYS B 207 43.45 4.61 27.67
CA CYS B 207 43.76 5.48 28.78
C CYS B 207 43.68 6.97 28.43
N LYS B 208 43.91 7.29 27.16
CA LYS B 208 43.90 8.69 26.72
C LYS B 208 42.52 9.20 26.25
N MET B 209 41.50 8.35 26.33
CA MET B 209 40.15 8.73 25.90
C MET B 209 39.30 9.31 27.04
N PRO B 210 38.76 10.54 26.84
CA PRO B 210 37.83 11.14 27.80
C PRO B 210 36.55 10.36 27.90
N ILE B 211 35.91 10.41 29.07
CA ILE B 211 34.67 9.68 29.28
C ILE B 211 33.55 10.31 28.45
N ASN B 212 33.46 11.65 28.51
CA ASN B 212 32.44 12.39 27.80
C ASN B 212 33.12 13.42 26.91
N ASN B 213 32.36 13.99 25.97
CA ASN B 213 32.89 14.96 25.02
C ASN B 213 33.25 16.27 25.72
N LYS B 214 34.09 17.07 25.08
CA LYS B 214 34.62 18.33 25.62
C LYS B 214 33.61 19.26 26.28
N MET B 215 32.39 19.35 25.75
CA MET B 215 31.36 20.24 26.29
C MET B 215 30.66 19.67 27.54
N ALA B 216 31.06 18.47 27.96
CA ALA B 216 30.44 17.85 29.13
C ALA B 216 31.03 18.50 30.38
N GLN B 217 30.18 18.66 31.39
CA GLN B 217 30.58 19.24 32.68
C GLN B 217 31.21 18.17 33.61
N TRP B 218 31.60 17.03 33.03
CA TRP B 218 32.23 15.96 33.79
C TRP B 218 32.79 14.96 32.79
N GLY B 219 33.93 14.36 33.14
CA GLY B 219 34.50 13.30 32.33
C GLY B 219 35.02 13.74 30.96
N ASN B 220 35.01 15.06 30.71
CA ASN B 220 35.43 15.61 29.42
C ASN B 220 36.95 15.48 29.19
N LYS B 221 37.68 15.10 30.23
CA LYS B 221 39.14 14.94 30.14
C LYS B 221 39.52 13.47 30.39
N PRO B 222 40.66 13.04 29.79
CA PRO B 222 41.17 11.68 29.99
C PRO B 222 41.48 11.39 31.43
N VAL B 223 41.10 10.17 31.87
CA VAL B 223 41.31 9.76 33.26
C VAL B 223 41.99 8.41 33.31
N CYS B 224 42.33 7.97 34.53
CA CYS B 224 42.93 6.67 34.76
C CYS B 224 42.27 6.03 35.98
N PRO C 1 7.87 -2.13 -40.06
CA PRO C 1 7.05 -3.05 -39.28
C PRO C 1 5.77 -2.40 -38.79
N MET C 2 5.09 -3.05 -37.84
CA MET C 2 3.83 -2.53 -37.26
C MET C 2 4.09 -1.21 -36.58
N THR C 3 3.02 -0.39 -36.47
CA THR C 3 3.14 0.89 -35.78
C THR C 3 2.07 1.03 -34.70
N LEU C 4 2.50 1.26 -33.46
CA LEU C 4 1.57 1.43 -32.34
C LEU C 4 1.63 2.89 -31.96
N GLY C 5 0.48 3.56 -31.96
CA GLY C 5 0.44 4.98 -31.64
C GLY C 5 -0.45 5.24 -30.44
N TYR C 6 0.14 5.92 -29.44
CA TYR C 6 -0.56 6.23 -28.18
C TYR C 6 0.20 7.33 -27.47
N TRP C 7 -0.37 7.88 -26.41
CA TRP C 7 0.32 8.90 -25.64
C TRP C 7 1.58 8.27 -25.02
N ASN C 8 2.49 9.11 -24.54
CA ASN C 8 3.69 8.66 -23.84
C ASN C 8 3.26 8.34 -22.39
N ILE C 9 2.31 7.44 -22.26
CA ILE C 9 1.72 7.08 -20.97
C ILE C 9 1.54 5.57 -21.00
N ARG C 10 1.54 4.96 -19.83
CA ARG C 10 1.27 3.53 -19.68
C ARG C 10 -0.13 3.21 -20.20
N GLY C 11 -1.13 3.80 -19.51
CA GLY C 11 -2.54 3.66 -19.88
C GLY C 11 -2.97 2.40 -20.60
N LEU C 12 -3.81 2.60 -21.62
CA LEU C 12 -4.39 1.52 -22.42
C LEU C 12 -3.37 0.79 -23.31
N ALA C 13 -2.18 1.35 -23.48
CA ALA C 13 -1.18 0.75 -24.37
C ALA C 13 -0.33 -0.33 -23.67
N HIS C 14 -0.30 -0.31 -22.33
CA HIS C 14 0.51 -1.27 -21.58
C HIS C 14 0.34 -2.73 -21.98
N SER C 15 -0.91 -3.21 -21.99
CA SER C 15 -1.17 -4.61 -22.31
C SER C 15 -0.75 -4.94 -23.75
N ILE C 16 -0.81 -3.95 -24.63
CA ILE C 16 -0.49 -4.12 -26.05
C ILE C 16 1.02 -4.25 -26.20
N ARG C 17 1.77 -3.32 -25.59
CA ARG C 17 3.23 -3.31 -25.69
C ARG C 17 3.79 -4.65 -25.18
N LEU C 18 3.27 -5.10 -24.03
CA LEU C 18 3.66 -6.38 -23.42
C LEU C 18 3.40 -7.54 -24.36
N LEU C 19 2.18 -7.60 -24.91
CA LEU C 19 1.80 -8.65 -25.84
C LEU C 19 2.72 -8.67 -27.07
N LEU C 20 2.96 -7.49 -27.64
CA LEU C 20 3.84 -7.40 -28.81
C LEU C 20 5.21 -7.99 -28.49
N GLU C 21 5.81 -7.51 -27.40
CA GLU C 21 7.12 -7.98 -26.94
C GLU C 21 7.17 -9.50 -26.72
N TYR C 22 6.16 -10.02 -26.03
CA TYR C 22 6.05 -11.45 -25.77
C TYR C 22 6.03 -12.24 -27.06
N THR C 23 5.38 -11.70 -28.08
CA THR C 23 5.26 -12.39 -29.36
C THR C 23 6.41 -12.07 -30.30
N ASP C 24 7.34 -11.23 -29.83
CA ASP C 24 8.47 -10.78 -30.63
C ASP C 24 8.03 -10.12 -31.95
N SER C 25 6.88 -9.47 -31.93
CA SER C 25 6.38 -8.80 -33.11
C SER C 25 7.21 -7.54 -33.35
N SER C 26 7.78 -7.44 -34.55
CA SER C 26 8.59 -6.29 -34.94
C SER C 26 7.65 -5.10 -35.07
N TYR C 27 7.85 -4.07 -34.23
CA TYR C 27 6.95 -2.92 -34.26
C TYR C 27 7.69 -1.63 -33.95
N GLU C 28 7.03 -0.50 -34.21
CA GLU C 28 7.56 0.81 -33.91
C GLU C 28 6.48 1.58 -33.19
N GLU C 29 6.88 2.42 -32.23
CA GLU C 29 5.91 3.20 -31.48
C GLU C 29 5.88 4.65 -31.93
N LYS C 30 4.71 5.27 -31.88
CA LYS C 30 4.54 6.66 -32.23
C LYS C 30 3.90 7.26 -30.99
N LYS C 31 4.73 7.73 -30.08
CA LYS C 31 4.26 8.30 -28.81
C LYS C 31 3.84 9.74 -29.04
N TYR C 32 2.72 10.13 -28.45
CA TYR C 32 2.25 11.52 -28.54
C TYR C 32 2.42 12.19 -27.18
N THR C 33 2.86 13.45 -27.20
CA THR C 33 3.05 14.20 -25.98
C THR C 33 1.86 15.12 -25.77
N MET C 34 1.51 15.30 -24.49
CA MET C 34 0.37 16.16 -24.09
C MET C 34 0.86 17.41 -23.34
N GLY C 35 0.11 18.50 -23.44
CA GLY C 35 0.48 19.75 -22.81
C GLY C 35 0.39 19.72 -21.31
N ASP C 36 1.34 20.38 -20.66
CA ASP C 36 1.43 20.47 -19.19
C ASP C 36 0.72 21.72 -18.68
N ALA C 37 0.69 22.75 -19.52
CA ALA C 37 0.06 24.01 -19.18
C ALA C 37 -1.44 23.78 -18.95
N PRO C 38 -2.17 24.79 -18.36
CA PRO C 38 -3.61 24.66 -18.14
C PRO C 38 -4.34 24.16 -19.37
N ASP C 39 -3.84 24.56 -20.53
CA ASP C 39 -4.37 24.11 -21.81
C ASP C 39 -3.55 22.88 -22.14
N TYR C 40 -4.06 21.70 -21.76
CA TYR C 40 -3.36 20.45 -22.03
C TYR C 40 -3.27 20.23 -23.56
N ASP C 41 -2.28 20.85 -24.17
CA ASP C 41 -2.10 20.85 -25.61
C ASP C 41 -1.99 19.45 -26.21
N ARG C 42 -3.02 19.05 -26.94
CA ARG C 42 -3.06 17.75 -27.57
C ARG C 42 -2.86 17.84 -29.08
N SER C 43 -2.46 19.03 -29.54
CA SER C 43 -2.29 19.32 -30.97
C SER C 43 -1.38 18.32 -31.69
N GLN C 44 -0.34 17.84 -31.01
CA GLN C 44 0.56 16.84 -31.56
C GLN C 44 -0.21 15.67 -32.17
N TRP C 45 -1.30 15.27 -31.52
CA TRP C 45 -2.13 14.18 -31.97
C TRP C 45 -3.18 14.73 -32.95
N LEU C 46 -3.90 15.77 -32.51
CA LEU C 46 -4.98 16.34 -33.31
C LEU C 46 -4.56 16.67 -34.75
N ASN C 47 -3.39 17.29 -34.93
CA ASN C 47 -2.90 17.63 -36.26
C ASN C 47 -2.64 16.42 -37.16
N GLU C 48 -2.42 15.26 -36.55
CA GLU C 48 -2.14 14.02 -37.27
C GLU C 48 -3.32 13.07 -37.23
N LYS C 49 -4.26 13.35 -36.32
CA LYS C 49 -5.47 12.52 -36.07
C LYS C 49 -6.25 12.07 -37.33
N PHE C 50 -6.70 13.04 -38.12
CA PHE C 50 -7.49 12.75 -39.31
C PHE C 50 -6.64 12.50 -40.56
N LYS C 51 -5.31 12.48 -40.42
CA LYS C 51 -4.42 12.21 -41.54
C LYS C 51 -3.89 10.79 -41.60
N LEU C 52 -4.34 9.93 -40.69
CA LEU C 52 -3.86 8.55 -40.67
C LEU C 52 -4.71 7.55 -41.46
N GLY C 53 -5.94 7.92 -41.81
CA GLY C 53 -6.80 7.04 -42.57
C GLY C 53 -7.45 5.91 -41.76
N LEU C 54 -7.62 6.13 -40.47
CA LEU C 54 -8.27 5.16 -39.58
C LEU C 54 -9.76 5.37 -39.69
N ASP C 55 -10.55 4.29 -39.59
CA ASP C 55 -12.00 4.41 -39.72
C ASP C 55 -12.63 5.19 -38.55
N PHE C 56 -12.10 4.96 -37.36
CA PHE C 56 -12.55 5.66 -36.16
C PHE C 56 -11.29 6.16 -35.47
N PRO C 57 -10.82 7.39 -35.84
CA PRO C 57 -9.59 7.98 -35.29
C PRO C 57 -9.58 7.97 -33.76
N ASN C 58 -8.62 7.24 -33.18
CA ASN C 58 -8.55 7.11 -31.72
C ASN C 58 -7.22 6.51 -31.29
N LEU C 59 -6.86 6.81 -30.02
CA LEU C 59 -5.64 6.29 -29.41
C LEU C 59 -6.02 5.25 -28.33
N PRO C 60 -5.31 4.09 -28.31
CA PRO C 60 -4.25 3.69 -29.23
C PRO C 60 -4.77 3.18 -30.57
N TYR C 61 -3.84 3.06 -31.53
CA TYR C 61 -4.16 2.48 -32.83
C TYR C 61 -2.98 1.61 -33.26
N LEU C 62 -3.26 0.61 -34.08
CA LEU C 62 -2.21 -0.25 -34.58
C LEU C 62 -2.38 -0.35 -36.10
N ILE C 63 -1.30 -0.07 -36.83
CA ILE C 63 -1.28 -0.15 -38.28
C ILE C 63 -0.39 -1.32 -38.64
N ASP C 64 -1.01 -2.36 -39.21
CA ASP C 64 -0.29 -3.54 -39.66
C ASP C 64 -0.61 -3.73 -41.15
N GLY C 65 0.29 -3.21 -41.99
CA GLY C 65 0.15 -3.35 -43.44
C GLY C 65 -1.04 -2.54 -43.88
N THR C 66 -2.03 -3.23 -44.45
CA THR C 66 -3.25 -2.58 -44.89
C THR C 66 -4.23 -2.46 -43.72
N HIS C 67 -3.99 -3.23 -42.66
CA HIS C 67 -4.86 -3.24 -41.49
C HIS C 67 -4.57 -2.06 -40.58
N LYS C 68 -5.60 -1.29 -40.26
CA LYS C 68 -5.48 -0.18 -39.35
C LYS C 68 -6.57 -0.34 -38.27
N ILE C 69 -6.21 -0.94 -37.15
CA ILE C 69 -7.18 -1.25 -36.10
C ILE C 69 -7.10 -0.17 -35.01
N THR C 70 -8.24 0.10 -34.37
CA THR C 70 -8.31 0.96 -33.19
C THR C 70 -9.04 0.16 -32.11
N GLN C 71 -9.17 0.75 -30.92
CA GLN C 71 -9.80 0.11 -29.76
C GLN C 71 -8.88 -0.98 -29.15
N SER C 72 -8.44 -0.75 -27.92
CA SER C 72 -7.57 -1.64 -27.14
C SER C 72 -7.92 -3.10 -27.35
N ASN C 73 -9.13 -3.50 -26.95
CA ASN C 73 -9.55 -4.90 -27.01
C ASN C 73 -9.41 -5.45 -28.43
N ALA C 74 -9.74 -4.62 -29.43
CA ALA C 74 -9.68 -5.03 -30.83
C ALA C 74 -8.22 -5.29 -31.25
N ILE C 75 -7.32 -4.38 -30.85
CA ILE C 75 -5.89 -4.49 -31.16
C ILE C 75 -5.33 -5.76 -30.52
N LEU C 76 -5.66 -5.97 -29.24
CA LEU C 76 -5.20 -7.16 -28.53
C LEU C 76 -5.69 -8.42 -29.23
N ARG C 77 -7.00 -8.48 -29.48
CA ARG C 77 -7.60 -9.63 -30.14
C ARG C 77 -6.93 -9.92 -31.50
N TYR C 78 -6.62 -8.87 -32.25
CA TYR C 78 -5.95 -9.03 -33.53
C TYR C 78 -4.58 -9.71 -33.36
N ILE C 79 -3.72 -9.14 -32.51
CA ILE C 79 -2.39 -9.67 -32.27
C ILE C 79 -2.48 -11.10 -31.67
N ALA C 80 -3.47 -11.29 -30.80
CA ALA C 80 -3.71 -12.57 -30.13
C ALA C 80 -3.99 -13.63 -31.18
N ARG C 81 -4.94 -13.34 -32.07
CA ARG C 81 -5.30 -14.27 -33.14
C ARG C 81 -4.09 -14.52 -34.03
N LYS C 82 -3.38 -13.45 -34.37
CA LYS C 82 -2.20 -13.53 -35.23
C LYS C 82 -1.10 -14.41 -34.63
N HIS C 83 -1.19 -14.71 -33.34
CA HIS C 83 -0.21 -15.57 -32.69
C HIS C 83 -0.84 -16.74 -31.94
N ASN C 84 -2.13 -16.98 -32.21
CA ASN C 84 -2.86 -18.10 -31.60
C ASN C 84 -2.97 -18.03 -30.05
N LEU C 85 -2.90 -16.83 -29.49
CA LEU C 85 -2.99 -16.65 -28.06
C LEU C 85 -4.41 -16.41 -27.55
N CYS C 86 -5.36 -17.18 -28.07
CA CYS C 86 -6.78 -17.00 -27.75
C CYS C 86 -7.39 -18.31 -27.25
N GLY C 87 -8.60 -18.22 -26.68
CA GLY C 87 -9.30 -19.41 -26.21
C GLY C 87 -9.86 -20.22 -27.36
N GLU C 88 -9.68 -21.53 -27.33
CA GLU C 88 -10.14 -22.40 -28.41
C GLU C 88 -11.53 -22.95 -28.15
N SER C 89 -11.68 -23.74 -27.08
CA SER C 89 -12.98 -24.35 -26.77
C SER C 89 -13.98 -23.32 -26.28
N GLU C 90 -15.26 -23.65 -26.45
CA GLU C 90 -16.36 -22.77 -26.04
C GLU C 90 -16.17 -22.25 -24.62
N LYS C 91 -15.77 -23.14 -23.73
CA LYS C 91 -15.61 -22.82 -22.31
C LYS C 91 -14.53 -21.76 -22.14
N GLU C 92 -13.40 -21.94 -22.82
CA GLU C 92 -12.31 -20.98 -22.78
C GLU C 92 -12.78 -19.64 -23.34
N GLN C 93 -13.51 -19.68 -24.46
CA GLN C 93 -14.00 -18.48 -25.10
C GLN C 93 -14.95 -17.69 -24.17
N ILE C 94 -15.84 -18.40 -23.46
CA ILE C 94 -16.75 -17.75 -22.54
C ILE C 94 -15.99 -17.03 -21.44
N ARG C 95 -14.97 -17.71 -20.89
CA ARG C 95 -14.10 -17.14 -19.85
C ARG C 95 -13.43 -15.88 -20.38
N GLU C 96 -12.87 -16.02 -21.58
CA GLU C 96 -12.20 -14.93 -22.31
C GLU C 96 -13.09 -13.71 -22.46
N ASP C 97 -14.31 -13.94 -22.93
CA ASP C 97 -15.29 -12.87 -23.13
C ASP C 97 -15.76 -12.18 -21.86
N ILE C 98 -16.10 -12.98 -20.84
CA ILE C 98 -16.52 -12.47 -19.53
C ILE C 98 -15.39 -11.65 -18.90
N LEU C 99 -14.18 -12.22 -18.88
CA LEU C 99 -13.02 -11.56 -18.30
C LEU C 99 -12.63 -10.29 -19.04
N GLU C 100 -12.59 -10.32 -20.37
CA GLU C 100 -12.25 -9.15 -21.18
C GLU C 100 -13.12 -7.96 -20.77
N ASN C 101 -14.43 -8.19 -20.72
CA ASN C 101 -15.38 -7.15 -20.35
C ASN C 101 -15.26 -6.78 -18.87
N GLN C 102 -15.15 -7.79 -18.02
CA GLN C 102 -15.07 -7.58 -16.58
C GLN C 102 -13.82 -6.76 -16.24
N PHE C 103 -12.69 -7.06 -16.89
CA PHE C 103 -11.45 -6.37 -16.59
C PHE C 103 -11.50 -4.91 -17.02
N MET C 104 -12.20 -4.62 -18.12
CA MET C 104 -12.39 -3.25 -18.55
C MET C 104 -13.17 -2.51 -17.48
N ASP C 105 -14.13 -3.22 -16.91
CA ASP C 105 -14.99 -2.68 -15.87
C ASP C 105 -14.12 -2.13 -14.74
N SER C 106 -13.23 -2.97 -14.23
CA SER C 106 -12.33 -2.58 -13.15
C SER C 106 -11.42 -1.41 -13.54
N ARG C 107 -10.88 -1.48 -14.76
CA ARG C 107 -9.99 -0.45 -15.32
C ARG C 107 -10.66 0.92 -15.26
N MET C 108 -11.87 1.01 -15.79
CA MET C 108 -12.59 2.27 -15.82
C MET C 108 -12.93 2.74 -14.43
N GLN C 109 -13.19 1.80 -13.52
CA GLN C 109 -13.51 2.13 -12.13
C GLN C 109 -12.38 2.86 -11.39
N LEU C 110 -11.14 2.45 -11.66
CA LEU C 110 -10.00 3.16 -11.09
C LEU C 110 -9.78 4.48 -11.84
N ALA C 111 -9.85 4.42 -13.17
CA ALA C 111 -9.61 5.58 -14.02
C ALA C 111 -10.50 6.75 -13.61
N LYS C 112 -11.82 6.51 -13.56
CA LYS C 112 -12.78 7.54 -13.23
C LYS C 112 -12.43 8.17 -11.91
N LEU C 113 -12.04 7.32 -10.96
CA LEU C 113 -11.64 7.75 -9.61
C LEU C 113 -10.41 8.68 -9.64
N CYS C 114 -9.35 8.21 -10.30
CA CYS C 114 -8.12 8.98 -10.39
C CYS C 114 -8.24 10.29 -11.20
N TYR C 115 -9.29 10.43 -12.02
CA TYR C 115 -9.47 11.66 -12.76
C TYR C 115 -10.49 12.58 -12.06
N ASP C 116 -11.23 12.02 -11.11
CA ASP C 116 -12.26 12.78 -10.41
C ASP C 116 -11.63 13.76 -9.46
N PRO C 117 -12.02 15.04 -9.51
CA PRO C 117 -11.49 16.08 -8.62
C PRO C 117 -11.58 15.76 -7.14
N ASP C 118 -12.64 15.08 -6.74
CA ASP C 118 -12.85 14.67 -5.35
C ASP C 118 -12.11 13.37 -4.99
N PHE C 119 -10.96 13.15 -5.64
CA PHE C 119 -10.13 11.97 -5.44
C PHE C 119 -9.90 11.70 -3.95
N GLU C 120 -9.66 12.77 -3.17
CA GLU C 120 -9.42 12.67 -1.73
C GLU C 120 -10.50 11.86 -1.01
N LYS C 121 -11.75 12.33 -1.08
CA LYS C 121 -12.83 11.69 -0.36
C LYS C 121 -13.35 10.43 -1.05
N LEU C 122 -13.09 10.32 -2.35
CA LEU C 122 -13.55 9.17 -3.12
C LEU C 122 -12.62 7.97 -2.95
N LYS C 123 -11.34 8.24 -2.72
CA LYS C 123 -10.33 7.18 -2.57
C LYS C 123 -10.74 6.09 -1.55
N PRO C 124 -11.12 6.49 -0.30
CA PRO C 124 -11.55 5.52 0.71
C PRO C 124 -12.69 4.63 0.24
N GLU C 125 -13.66 5.25 -0.42
CA GLU C 125 -14.81 4.54 -0.97
C GLU C 125 -14.33 3.41 -1.88
N TYR C 126 -13.37 3.74 -2.75
CA TYR C 126 -12.79 2.78 -3.66
C TYR C 126 -12.11 1.64 -2.90
N LEU C 127 -11.17 2.02 -2.03
CA LEU C 127 -10.36 1.09 -1.27
C LEU C 127 -11.21 0.05 -0.54
N GLN C 128 -12.19 0.47 0.24
CA GLN C 128 -13.01 -0.48 0.99
C GLN C 128 -13.83 -1.43 0.11
N ALA C 129 -14.14 -1.01 -1.12
CA ALA C 129 -14.89 -1.84 -2.05
C ALA C 129 -13.96 -2.80 -2.81
N LEU C 130 -12.69 -2.40 -2.95
CA LEU C 130 -11.69 -3.15 -3.68
C LEU C 130 -11.60 -4.67 -3.36
N PRO C 131 -11.52 -5.05 -2.05
CA PRO C 131 -11.36 -6.46 -1.70
C PRO C 131 -12.35 -7.43 -2.33
N GLU C 132 -13.63 -7.06 -2.41
CA GLU C 132 -14.64 -7.93 -3.01
C GLU C 132 -14.37 -8.16 -4.50
N MET C 133 -13.87 -7.10 -5.16
CA MET C 133 -13.49 -7.16 -6.56
C MET C 133 -12.40 -8.21 -6.75
N LEU C 134 -11.28 -8.04 -6.04
CA LEU C 134 -10.17 -8.97 -6.16
C LEU C 134 -10.56 -10.38 -5.73
N LYS C 135 -11.47 -10.49 -4.76
CA LYS C 135 -11.93 -11.77 -4.26
C LYS C 135 -12.46 -12.63 -5.39
N LEU C 136 -13.33 -12.03 -6.22
CA LEU C 136 -13.94 -12.71 -7.36
C LEU C 136 -12.86 -13.18 -8.32
N TYR C 137 -11.91 -12.29 -8.60
CA TYR C 137 -10.83 -12.60 -9.51
C TYR C 137 -9.95 -13.75 -9.01
N SER C 138 -9.72 -13.79 -7.70
CA SER C 138 -8.92 -14.82 -7.08
C SER C 138 -9.63 -16.16 -7.22
N GLN C 139 -10.91 -16.16 -6.85
CA GLN C 139 -11.71 -17.37 -6.90
C GLN C 139 -11.71 -17.92 -8.32
N PHE C 140 -11.97 -17.02 -9.29
CA PHE C 140 -12.01 -17.40 -10.70
C PHE C 140 -10.72 -18.08 -11.16
N LEU C 141 -9.58 -17.47 -10.82
CA LEU C 141 -8.27 -17.98 -11.15
C LEU C 141 -8.06 -19.34 -10.53
N GLY C 142 -8.43 -19.47 -9.24
CA GLY C 142 -8.27 -20.71 -8.52
C GLY C 142 -6.81 -21.09 -8.42
N LYS C 143 -6.50 -22.35 -8.65
CA LYS C 143 -5.13 -22.84 -8.63
C LYS C 143 -4.55 -22.96 -10.05
N GLN C 144 -5.17 -22.26 -10.99
CA GLN C 144 -4.76 -22.35 -12.39
C GLN C 144 -3.54 -21.46 -12.55
N PRO C 145 -2.62 -21.81 -13.48
CA PRO C 145 -1.46 -20.96 -13.77
C PRO C 145 -1.88 -19.65 -14.41
N TRP C 146 -2.83 -19.72 -15.33
CA TRP C 146 -3.31 -18.56 -16.03
C TRP C 146 -4.83 -18.61 -16.07
N PHE C 147 -5.47 -17.46 -16.31
CA PHE C 147 -6.94 -17.37 -16.33
C PHE C 147 -7.66 -18.33 -17.27
N LEU C 148 -7.10 -18.60 -18.44
CA LEU C 148 -7.74 -19.52 -19.39
C LEU C 148 -7.24 -20.95 -19.21
N GLY C 149 -6.63 -21.24 -18.06
CA GLY C 149 -6.10 -22.56 -17.79
C GLY C 149 -4.57 -22.61 -17.75
N ASP C 150 -4.00 -23.59 -18.43
CA ASP C 150 -2.55 -23.76 -18.46
C ASP C 150 -1.92 -22.85 -19.50
N LYS C 151 -2.63 -22.62 -20.60
CA LYS C 151 -2.13 -21.81 -21.69
C LYS C 151 -2.38 -20.33 -21.41
N ILE C 152 -1.31 -19.53 -21.56
CA ILE C 152 -1.42 -18.07 -21.39
C ILE C 152 -2.05 -17.47 -22.64
N THR C 153 -3.10 -16.67 -22.44
CA THR C 153 -3.80 -16.04 -23.52
C THR C 153 -3.80 -14.52 -23.35
N PHE C 154 -4.31 -13.80 -24.34
CA PHE C 154 -4.32 -12.34 -24.29
C PHE C 154 -5.02 -11.75 -23.07
N VAL C 155 -5.93 -12.52 -22.48
CA VAL C 155 -6.68 -12.02 -21.33
C VAL C 155 -5.72 -11.74 -20.17
N ASP C 156 -4.67 -12.54 -20.07
CA ASP C 156 -3.69 -12.41 -18.98
C ASP C 156 -2.94 -11.08 -19.02
N PHE C 157 -2.74 -10.57 -20.24
CA PHE C 157 -2.07 -9.29 -20.44
C PHE C 157 -2.93 -8.11 -19.98
N ILE C 158 -4.24 -8.32 -19.98
CA ILE C 158 -5.18 -7.31 -19.51
C ILE C 158 -5.19 -7.39 -18.00
N ALA C 159 -5.28 -8.63 -17.51
CA ALA C 159 -5.31 -8.94 -16.06
C ALA C 159 -4.10 -8.30 -15.36
N TYR C 160 -2.89 -8.63 -15.83
CA TYR C 160 -1.66 -8.11 -15.26
C TYR C 160 -1.72 -6.60 -15.13
N ASP C 161 -2.10 -5.94 -16.22
CA ASP C 161 -2.14 -4.49 -16.26
C ASP C 161 -3.06 -3.86 -15.20
N VAL C 162 -4.25 -4.43 -14.99
CA VAL C 162 -5.20 -3.86 -14.04
C VAL C 162 -4.82 -4.23 -12.59
N LEU C 163 -4.49 -5.49 -12.34
CA LEU C 163 -4.13 -5.97 -11.00
C LEU C 163 -2.88 -5.25 -10.49
N GLU C 164 -1.81 -5.29 -11.29
CA GLU C 164 -0.54 -4.66 -10.94
C GLU C 164 -0.72 -3.16 -10.70
N ARG C 165 -1.57 -2.54 -11.51
CA ARG C 165 -1.88 -1.12 -11.39
C ARG C 165 -2.57 -0.84 -10.06
N ASN C 166 -3.40 -1.78 -9.63
CA ASN C 166 -4.11 -1.65 -8.37
C ASN C 166 -3.10 -1.78 -7.23
N GLN C 167 -2.13 -2.67 -7.43
CA GLN C 167 -1.05 -2.88 -6.49
C GLN C 167 -0.18 -1.64 -6.32
N VAL C 168 0.09 -0.91 -7.39
CA VAL C 168 0.85 0.34 -7.29
C VAL C 168 0.03 1.41 -6.60
N PHE C 169 -1.28 1.32 -6.72
CA PHE C 169 -2.17 2.29 -6.09
C PHE C 169 -2.22 2.03 -4.59
N GLU C 170 -2.17 0.75 -4.23
CA GLU C 170 -2.17 0.33 -2.84
C GLU C 170 -1.46 -1.02 -2.71
N PRO C 171 -0.15 -1.00 -2.34
CA PRO C 171 0.74 -2.16 -2.27
C PRO C 171 0.17 -3.36 -1.53
N SER C 172 -0.54 -3.10 -0.45
CA SER C 172 -1.06 -4.17 0.38
C SER C 172 -2.27 -4.90 -0.19
N CYS C 173 -2.92 -4.33 -1.21
CA CYS C 173 -4.19 -4.85 -1.73
C CYS C 173 -4.17 -6.34 -2.09
N LEU C 174 -3.12 -6.79 -2.77
CA LEU C 174 -3.07 -8.18 -3.19
C LEU C 174 -2.51 -9.15 -2.14
N ASP C 175 -2.05 -8.63 -1.00
CA ASP C 175 -1.49 -9.48 0.06
C ASP C 175 -2.50 -10.53 0.53
N ALA C 176 -3.73 -10.08 0.69
CA ALA C 176 -4.82 -10.94 1.15
C ALA C 176 -5.16 -12.01 0.15
N PHE C 177 -4.65 -11.87 -1.05
CA PHE C 177 -4.98 -12.79 -2.14
C PHE C 177 -3.68 -13.29 -2.76
N PRO C 178 -2.93 -14.14 -2.04
CA PRO C 178 -1.63 -14.62 -2.51
C PRO C 178 -1.70 -15.16 -3.92
N ASN C 179 -2.86 -15.72 -4.25
CA ASN C 179 -3.16 -16.31 -5.56
C ASN C 179 -2.90 -15.29 -6.69
N LEU C 180 -3.41 -14.09 -6.49
CA LEU C 180 -3.25 -13.01 -7.45
C LEU C 180 -1.83 -12.45 -7.40
N LYS C 181 -1.23 -12.46 -6.21
CA LYS C 181 0.13 -11.95 -6.05
C LYS C 181 1.15 -12.82 -6.78
N ASP C 182 0.94 -14.13 -6.77
CA ASP C 182 1.87 -15.02 -7.43
C ASP C 182 1.76 -14.91 -8.91
N PHE C 183 0.54 -14.60 -9.37
CA PHE C 183 0.25 -14.41 -10.80
C PHE C 183 1.19 -13.33 -11.36
N ILE C 184 1.15 -12.15 -10.75
CA ILE C 184 1.99 -11.04 -11.16
C ILE C 184 3.44 -11.49 -11.32
N SER C 185 3.94 -12.21 -10.30
CA SER C 185 5.32 -12.69 -10.29
C SER C 185 5.56 -13.61 -11.49
N ARG C 186 4.67 -14.58 -11.67
CA ARG C 186 4.79 -15.56 -12.75
C ARG C 186 4.81 -14.87 -14.11
N PHE C 187 4.00 -13.83 -14.24
CA PHE C 187 3.91 -13.09 -15.48
C PHE C 187 5.23 -12.35 -15.75
N GLU C 188 5.67 -11.55 -14.78
CA GLU C 188 6.89 -10.78 -14.92
C GLU C 188 8.10 -11.74 -15.07
N GLY C 189 7.92 -12.97 -14.59
CA GLY C 189 8.98 -13.96 -14.67
C GLY C 189 9.16 -14.52 -16.06
N LEU C 190 8.25 -14.21 -16.97
CA LEU C 190 8.35 -14.70 -18.35
C LEU C 190 9.54 -14.06 -19.05
N GLU C 191 10.42 -14.90 -19.61
CA GLU C 191 11.66 -14.46 -20.23
C GLU C 191 11.56 -13.18 -21.07
N LYS C 192 10.59 -13.14 -21.98
CA LYS C 192 10.41 -11.99 -22.85
C LYS C 192 9.96 -10.78 -22.05
N ILE C 193 9.11 -11.01 -21.05
CA ILE C 193 8.57 -9.93 -20.23
C ILE C 193 9.69 -9.31 -19.39
N SER C 194 10.43 -10.16 -18.67
CA SER C 194 11.53 -9.70 -17.82
C SER C 194 12.56 -8.93 -18.66
N ALA C 195 12.89 -9.49 -19.82
CA ALA C 195 13.81 -8.85 -20.74
C ALA C 195 13.31 -7.46 -21.12
N TYR C 196 12.04 -7.38 -21.50
CA TYR C 196 11.43 -6.11 -21.89
C TYR C 196 11.44 -5.12 -20.74
N MET C 197 11.17 -5.62 -19.53
CA MET C 197 11.14 -4.77 -18.36
C MET C 197 12.54 -4.22 -18.00
N LYS C 198 13.58 -4.90 -18.47
CA LYS C 198 14.96 -4.42 -18.31
C LYS C 198 15.27 -3.38 -19.39
N SER C 199 14.55 -3.45 -20.50
CA SER C 199 14.73 -2.55 -21.62
C SER C 199 14.26 -1.13 -21.30
N SER C 200 14.85 -0.16 -21.99
CA SER C 200 14.51 1.25 -21.81
C SER C 200 13.11 1.55 -22.37
N ARG C 201 12.62 0.66 -23.23
CA ARG C 201 11.31 0.83 -23.84
C ARG C 201 10.17 0.46 -22.91
N PHE C 202 10.46 0.24 -21.64
CA PHE C 202 9.45 -0.23 -20.70
C PHE C 202 8.26 0.72 -20.43
N LEU C 203 8.57 1.96 -20.01
CA LEU C 203 7.50 2.95 -19.72
C LEU C 203 6.35 2.41 -18.81
N PRO C 204 6.66 2.10 -17.51
CA PRO C 204 5.64 1.61 -16.58
C PRO C 204 4.77 2.69 -15.99
N ARG C 205 5.25 3.93 -16.05
CA ARG C 205 4.52 5.08 -15.53
C ARG C 205 4.92 6.24 -16.42
N PRO C 206 4.14 7.37 -16.45
CA PRO C 206 2.91 7.69 -15.72
C PRO C 206 1.79 6.71 -16.00
N VAL C 207 0.82 6.65 -15.07
CA VAL C 207 -0.27 5.70 -15.23
C VAL C 207 -1.36 6.29 -16.11
N PHE C 208 -1.67 7.59 -15.88
CA PHE C 208 -2.69 8.28 -16.65
C PHE C 208 -2.11 9.54 -17.32
N THR C 209 -2.94 10.27 -18.04
CA THR C 209 -2.50 11.49 -18.72
C THR C 209 -2.32 12.63 -17.73
N LYS C 210 -1.49 13.61 -18.09
CA LYS C 210 -1.17 14.76 -17.25
C LYS C 210 -2.34 15.42 -16.54
N MET C 211 -3.53 15.26 -17.09
CA MET C 211 -4.72 15.89 -16.50
C MET C 211 -5.46 15.05 -15.42
N ALA C 212 -4.86 13.94 -14.99
CA ALA C 212 -5.44 13.11 -13.96
C ALA C 212 -5.06 13.70 -12.62
N VAL C 213 -5.85 13.37 -11.60
CA VAL C 213 -5.57 13.81 -10.22
C VAL C 213 -4.54 12.90 -9.56
N TRP C 214 -4.57 11.62 -9.91
CA TRP C 214 -3.60 10.65 -9.42
C TRP C 214 -2.93 9.92 -10.58
N GLY C 215 -1.67 9.57 -10.39
CA GLY C 215 -0.95 8.80 -11.39
C GLY C 215 -0.71 9.57 -12.68
N ASN C 216 -0.86 10.89 -12.61
CA ASN C 216 -0.73 11.78 -13.75
C ASN C 216 0.72 11.93 -14.14
N LYS C 217 1.03 13.06 -14.80
CA LYS C 217 2.35 13.42 -15.30
C LYS C 217 2.54 12.89 -16.73
N SER D 1 -38.15 -30.69 -32.34
CA SER D 1 -38.08 -29.67 -31.25
C SER D 1 -36.98 -30.04 -30.28
N CYS D 2 -36.86 -29.27 -29.19
CA CYS D 2 -35.87 -29.51 -28.14
C CYS D 2 -36.08 -28.45 -27.06
N GLU D 3 -36.00 -27.18 -27.47
CA GLU D 3 -36.22 -26.02 -26.60
C GLU D 3 -35.10 -25.83 -25.59
N SER D 4 -34.35 -24.77 -25.78
CA SER D 4 -33.22 -24.43 -24.91
C SER D 4 -33.71 -23.87 -23.57
N SER D 5 -34.81 -23.10 -23.65
CA SER D 5 -35.41 -22.45 -22.48
C SER D 5 -34.39 -21.71 -21.57
N MET D 6 -33.25 -21.34 -22.15
CA MET D 6 -32.23 -20.62 -21.41
C MET D 6 -32.85 -19.35 -20.85
N VAL D 7 -32.60 -19.07 -19.57
CA VAL D 7 -33.20 -17.90 -18.96
C VAL D 7 -32.29 -16.68 -19.10
N LEU D 8 -32.91 -15.56 -19.46
CA LEU D 8 -32.22 -14.31 -19.59
C LEU D 8 -32.73 -13.45 -18.45
N GLY D 9 -31.83 -12.93 -17.63
CA GLY D 9 -32.25 -12.08 -16.54
C GLY D 9 -31.77 -10.67 -16.72
N TYR D 10 -32.68 -9.71 -16.51
CA TYR D 10 -32.36 -8.30 -16.58
C TYR D 10 -33.52 -7.50 -16.00
N TRP D 11 -33.35 -6.20 -15.89
CA TRP D 11 -34.42 -5.31 -15.46
C TRP D 11 -35.58 -5.36 -16.44
N ASP D 12 -36.72 -4.83 -16.01
CA ASP D 12 -37.88 -4.69 -16.89
C ASP D 12 -37.71 -3.43 -17.76
N ILE D 13 -36.56 -3.36 -18.42
CA ILE D 13 -36.12 -2.20 -19.17
C ILE D 13 -35.56 -2.76 -20.48
N ARG D 14 -35.54 -1.93 -21.50
CA ARG D 14 -34.94 -2.27 -22.78
C ARG D 14 -33.42 -2.36 -22.59
N GLY D 15 -32.85 -1.22 -22.17
CA GLY D 15 -31.41 -1.14 -21.89
C GLY D 15 -30.44 -2.03 -22.66
N LEU D 16 -29.57 -2.70 -21.91
CA LEU D 16 -28.53 -3.53 -22.47
C LEU D 16 -29.06 -4.87 -22.93
N ALA D 17 -30.29 -5.22 -22.61
CA ALA D 17 -30.80 -6.53 -22.98
C ALA D 17 -31.38 -6.50 -24.40
N HIS D 18 -31.77 -5.32 -24.88
CA HIS D 18 -32.41 -5.18 -26.20
C HIS D 18 -31.75 -5.95 -27.34
N ALA D 19 -30.44 -5.73 -27.55
CA ALA D 19 -29.70 -6.42 -28.60
C ALA D 19 -29.77 -7.93 -28.38
N ILE D 20 -29.77 -8.35 -27.12
CA ILE D 20 -29.77 -9.77 -26.76
C ILE D 20 -31.12 -10.41 -27.11
N ARG D 21 -32.20 -9.73 -26.71
CA ARG D 21 -33.56 -10.24 -26.97
C ARG D 21 -33.72 -10.41 -28.49
N LEU D 22 -33.33 -9.38 -29.24
CA LEU D 22 -33.44 -9.39 -30.70
C LEU D 22 -32.59 -10.48 -31.35
N LEU D 23 -31.42 -10.77 -30.79
CA LEU D 23 -30.57 -11.82 -31.35
C LEU D 23 -31.20 -13.17 -31.09
N LEU D 24 -31.73 -13.35 -29.89
CA LEU D 24 -32.43 -14.57 -29.51
C LEU D 24 -33.63 -14.84 -30.39
N GLU D 25 -34.41 -13.78 -30.66
CA GLU D 25 -35.57 -13.87 -31.54
C GLU D 25 -35.13 -14.34 -32.93
N PHE D 26 -34.33 -13.50 -33.59
CA PHE D 26 -33.81 -13.73 -34.92
C PHE D 26 -33.33 -15.15 -35.14
N THR D 27 -32.52 -15.66 -34.21
CA THR D 27 -31.94 -16.98 -34.35
C THR D 27 -32.87 -18.12 -33.92
N ASP D 28 -34.15 -17.80 -33.66
CA ASP D 28 -35.12 -18.79 -33.21
C ASP D 28 -34.64 -19.52 -31.96
N THR D 29 -33.97 -18.80 -31.07
CA THR D 29 -33.43 -19.42 -29.86
C THR D 29 -34.50 -19.41 -28.75
N SER D 30 -34.89 -20.61 -28.33
CA SER D 30 -35.87 -20.77 -27.27
C SER D 30 -35.27 -20.26 -25.96
N TYR D 31 -35.93 -19.24 -25.38
CA TYR D 31 -35.45 -18.69 -24.13
C TYR D 31 -36.61 -18.28 -23.24
N GLU D 32 -36.33 -18.20 -21.94
CA GLU D 32 -37.29 -17.75 -20.94
C GLU D 32 -36.69 -16.48 -20.38
N GLU D 33 -37.53 -15.52 -20.02
CA GLU D 33 -37.00 -14.25 -19.54
C GLU D 33 -37.42 -13.99 -18.10
N LYS D 34 -36.49 -13.43 -17.33
CA LYS D 34 -36.70 -13.08 -15.94
C LYS D 34 -36.45 -11.58 -15.80
N ARG D 35 -37.54 -10.83 -15.59
CA ARG D 35 -37.44 -9.39 -15.47
C ARG D 35 -37.44 -8.98 -14.00
N TYR D 36 -36.63 -7.98 -13.66
CA TYR D 36 -36.55 -7.48 -12.29
C TYR D 36 -37.12 -6.08 -12.30
N THR D 37 -38.02 -5.80 -11.36
CA THR D 37 -38.59 -4.47 -11.20
C THR D 37 -37.68 -3.63 -10.32
N CYS D 38 -37.83 -2.31 -10.42
CA CYS D 38 -37.06 -1.37 -9.62
C CYS D 38 -38.03 -0.44 -8.86
N GLY D 39 -37.52 0.17 -7.80
CA GLY D 39 -38.33 1.08 -7.01
C GLY D 39 -38.52 2.38 -7.72
N GLU D 40 -39.72 2.91 -7.71
CA GLU D 40 -40.03 4.17 -8.40
C GLU D 40 -39.90 5.39 -7.48
N ALA D 41 -40.01 5.15 -6.19
CA ALA D 41 -39.92 6.21 -5.19
C ALA D 41 -38.47 6.69 -5.14
N PRO D 42 -38.18 7.83 -4.44
CA PRO D 42 -36.81 8.32 -4.29
C PRO D 42 -35.81 7.25 -3.91
N ASP D 43 -36.26 6.28 -3.13
CA ASP D 43 -35.46 5.12 -2.79
C ASP D 43 -35.75 4.09 -3.86
N TYR D 44 -34.93 4.12 -4.92
CA TYR D 44 -35.08 3.17 -6.03
C TYR D 44 -34.73 1.74 -5.57
N ASP D 45 -35.67 1.14 -4.87
CA ASP D 45 -35.50 -0.19 -4.29
C ASP D 45 -35.26 -1.23 -5.35
N ARG D 46 -34.03 -1.73 -5.40
CA ARG D 46 -33.65 -2.77 -6.33
C ARG D 46 -33.36 -4.09 -5.57
N SER D 47 -34.00 -4.26 -4.41
CA SER D 47 -33.82 -5.46 -3.61
C SER D 47 -34.16 -6.70 -4.40
N GLN D 48 -35.20 -6.60 -5.24
CA GLN D 48 -35.66 -7.70 -6.08
C GLN D 48 -34.50 -8.47 -6.72
N TRP D 49 -33.49 -7.72 -7.17
CA TRP D 49 -32.30 -8.29 -7.77
C TRP D 49 -31.33 -8.75 -6.68
N LEU D 50 -31.06 -7.85 -5.74
CA LEU D 50 -30.10 -8.08 -4.66
C LEU D 50 -30.35 -9.36 -3.87
N ASP D 51 -31.62 -9.74 -3.72
CA ASP D 51 -31.99 -10.94 -2.97
C ASP D 51 -31.49 -12.21 -3.61
N VAL D 52 -31.60 -12.31 -4.93
CA VAL D 52 -31.17 -13.51 -5.64
C VAL D 52 -29.79 -13.40 -6.23
N LYS D 53 -29.22 -12.20 -6.20
CA LYS D 53 -27.90 -11.94 -6.78
C LYS D 53 -26.82 -13.01 -6.51
N PHE D 54 -26.68 -13.41 -5.25
CA PHE D 54 -25.64 -14.38 -4.90
C PHE D 54 -26.16 -15.82 -4.87
N LYS D 55 -27.28 -16.08 -5.54
CA LYS D 55 -27.87 -17.41 -5.52
C LYS D 55 -27.90 -18.05 -6.90
N LEU D 56 -27.45 -17.32 -7.92
CA LEU D 56 -27.57 -17.79 -9.31
C LEU D 56 -26.33 -18.53 -9.81
N ASP D 57 -25.36 -18.72 -8.92
CA ASP D 57 -24.09 -19.38 -9.27
C ASP D 57 -23.28 -18.64 -10.35
N LEU D 58 -23.36 -17.32 -10.36
CA LEU D 58 -22.64 -16.52 -11.34
C LEU D 58 -21.24 -16.20 -10.79
N ASP D 59 -20.23 -16.43 -11.62
CA ASP D 59 -18.85 -16.16 -11.23
C ASP D 59 -18.71 -14.67 -10.93
N PHE D 60 -19.36 -13.84 -11.72
CA PHE D 60 -19.36 -12.40 -11.48
C PHE D 60 -20.80 -11.93 -11.57
N PRO D 61 -21.53 -11.94 -10.43
CA PRO D 61 -22.94 -11.54 -10.38
C PRO D 61 -23.17 -10.17 -10.98
N ASN D 62 -24.03 -10.14 -12.00
CA ASN D 62 -24.26 -8.91 -12.76
C ASN D 62 -25.48 -9.09 -13.63
N LEU D 63 -26.01 -7.98 -14.14
CA LEU D 63 -27.14 -7.98 -15.07
C LEU D 63 -26.71 -7.28 -16.36
N PRO D 64 -27.10 -7.86 -17.54
CA PRO D 64 -27.90 -9.08 -17.70
C PRO D 64 -27.09 -10.33 -17.51
N TYR D 65 -27.79 -11.46 -17.29
CA TYR D 65 -27.13 -12.75 -17.18
C TYR D 65 -27.92 -13.71 -18.05
N LEU D 66 -27.25 -14.75 -18.54
CA LEU D 66 -27.90 -15.77 -19.34
C LEU D 66 -27.47 -17.13 -18.79
N LEU D 67 -28.46 -17.96 -18.45
CA LEU D 67 -28.20 -19.28 -17.91
C LEU D 67 -28.64 -20.26 -18.97
N ASP D 68 -27.66 -20.82 -19.67
CA ASP D 68 -27.91 -21.86 -20.66
C ASP D 68 -27.40 -23.21 -20.15
N GLY D 69 -28.24 -23.90 -19.36
CA GLY D 69 -27.84 -25.17 -18.78
C GLY D 69 -26.62 -24.99 -17.89
N LYS D 70 -25.54 -25.67 -18.24
CA LYS D 70 -24.32 -25.61 -17.45
C LYS D 70 -23.50 -24.35 -17.72
N ASN D 71 -23.97 -23.53 -18.66
CA ASN D 71 -23.26 -22.30 -19.03
C ASN D 71 -23.99 -21.11 -18.45
N LYS D 72 -23.35 -20.44 -17.49
CA LYS D 72 -23.90 -19.23 -16.88
C LYS D 72 -22.98 -18.06 -17.24
N ILE D 73 -23.52 -17.13 -18.03
CA ILE D 73 -22.70 -16.04 -18.52
C ILE D 73 -23.25 -14.71 -18.05
N THR D 74 -22.34 -13.75 -17.86
CA THR D 74 -22.69 -12.37 -17.53
C THR D 74 -21.91 -11.49 -18.50
N GLN D 75 -22.09 -10.16 -18.41
CA GLN D 75 -21.48 -9.20 -19.33
C GLN D 75 -22.16 -9.30 -20.71
N SER D 76 -22.82 -8.22 -21.11
CA SER D 76 -23.57 -8.14 -22.38
C SER D 76 -22.83 -8.69 -23.59
N ASN D 77 -21.64 -8.17 -23.87
CA ASN D 77 -20.88 -8.60 -25.04
C ASN D 77 -20.49 -10.07 -24.99
N ALA D 78 -20.38 -10.62 -23.78
CA ALA D 78 -20.08 -12.05 -23.61
C ALA D 78 -21.29 -12.92 -23.94
N ILE D 79 -22.47 -12.45 -23.52
CA ILE D 79 -23.72 -13.13 -23.82
C ILE D 79 -23.94 -13.13 -25.34
N LEU D 80 -23.87 -11.94 -25.95
CA LEU D 80 -24.05 -11.77 -27.40
C LEU D 80 -23.06 -12.62 -28.20
N ARG D 81 -21.77 -12.60 -27.82
CA ARG D 81 -20.77 -13.42 -28.51
C ARG D 81 -21.09 -14.88 -28.36
N TYR D 82 -21.60 -15.26 -27.20
CA TYR D 82 -21.93 -16.64 -26.86
C TYR D 82 -23.02 -17.15 -27.80
N ILE D 83 -24.18 -16.48 -27.80
CA ILE D 83 -25.34 -16.88 -28.62
C ILE D 83 -24.97 -16.83 -30.11
N ALA D 84 -24.32 -15.74 -30.52
CA ALA D 84 -23.92 -15.53 -31.91
C ALA D 84 -23.03 -16.66 -32.38
N ARG D 85 -22.03 -17.01 -31.57
CA ARG D 85 -21.06 -18.02 -31.92
C ARG D 85 -21.74 -19.30 -32.28
N LYS D 86 -22.78 -19.64 -31.51
CA LYS D 86 -23.54 -20.88 -31.73
C LYS D 86 -24.24 -20.87 -33.11
N HIS D 87 -24.57 -19.68 -33.57
CA HIS D 87 -25.28 -19.54 -34.83
C HIS D 87 -24.35 -19.01 -35.92
N ASN D 88 -23.04 -19.11 -35.71
CA ASN D 88 -22.05 -18.64 -36.68
C ASN D 88 -22.20 -17.16 -37.08
N MET D 89 -22.73 -16.34 -36.21
CA MET D 89 -22.92 -14.94 -36.51
C MET D 89 -21.77 -14.06 -35.98
N CYS D 90 -20.57 -14.39 -36.41
CA CYS D 90 -19.35 -13.64 -36.12
C CYS D 90 -18.54 -13.61 -37.44
N GLY D 91 -17.58 -12.69 -37.54
CA GLY D 91 -16.77 -12.61 -38.75
C GLY D 91 -16.10 -13.94 -39.05
N GLU D 92 -16.22 -14.42 -40.28
CA GLU D 92 -15.57 -15.66 -40.66
C GLU D 92 -14.17 -15.43 -41.18
N THR D 93 -13.96 -14.35 -41.91
CA THR D 93 -12.63 -14.03 -42.40
C THR D 93 -11.94 -13.03 -41.48
N GLU D 94 -10.61 -12.99 -41.51
CA GLU D 94 -9.83 -12.07 -40.69
C GLU D 94 -10.32 -10.64 -40.81
N GLU D 95 -10.68 -10.22 -42.03
CA GLU D 95 -11.17 -8.86 -42.27
C GLU D 95 -12.50 -8.63 -41.58
N GLU D 96 -13.35 -9.67 -41.58
CA GLU D 96 -14.66 -9.60 -40.94
C GLU D 96 -14.54 -9.58 -39.40
N LYS D 97 -13.61 -10.36 -38.88
CA LYS D 97 -13.37 -10.43 -37.45
C LYS D 97 -12.89 -9.09 -36.95
N ILE D 98 -11.92 -8.51 -37.64
CA ILE D 98 -11.42 -7.19 -37.29
C ILE D 98 -12.55 -6.15 -37.19
N ARG D 99 -13.42 -6.12 -38.20
CA ARG D 99 -14.54 -5.18 -38.23
C ARG D 99 -15.45 -5.38 -37.04
N VAL D 100 -15.76 -6.65 -36.73
CA VAL D 100 -16.63 -7.01 -35.61
C VAL D 100 -16.05 -6.49 -34.27
N ASP D 101 -14.76 -6.76 -34.05
CA ASP D 101 -14.07 -6.33 -32.83
C ASP D 101 -14.13 -4.81 -32.69
N ILE D 102 -13.86 -4.11 -33.78
CA ILE D 102 -13.85 -2.66 -33.74
C ILE D 102 -15.23 -2.12 -33.40
N ILE D 103 -16.24 -2.55 -34.16
CA ILE D 103 -17.62 -2.10 -33.94
C ILE D 103 -18.09 -2.37 -32.52
N GLU D 104 -17.81 -3.58 -32.01
CA GLU D 104 -18.17 -3.96 -30.66
C GLU D 104 -17.73 -2.90 -29.64
N ASN D 105 -16.44 -2.57 -29.65
CA ASN D 105 -15.92 -1.65 -28.67
C ASN D 105 -16.38 -0.24 -29.00
N GLN D 106 -16.46 0.08 -30.28
CA GLN D 106 -16.86 1.42 -30.71
C GLN D 106 -18.30 1.77 -30.23
N VAL D 107 -19.24 0.83 -30.40
CA VAL D 107 -20.61 1.08 -29.95
C VAL D 107 -20.65 1.19 -28.44
N MET D 108 -19.71 0.54 -27.76
CA MET D 108 -19.60 0.61 -26.32
C MET D 108 -19.30 2.05 -25.94
N ASP D 109 -18.29 2.63 -26.60
CA ASP D 109 -17.92 4.02 -26.36
C ASP D 109 -19.09 4.98 -26.60
N PHE D 110 -19.76 4.75 -27.73
CA PHE D 110 -20.88 5.57 -28.12
C PHE D 110 -22.00 5.47 -27.08
N ARG D 111 -22.37 4.22 -26.73
CA ARG D 111 -23.43 3.93 -25.76
C ARG D 111 -23.16 4.59 -24.41
N THR D 112 -21.91 4.52 -23.96
CA THR D 112 -21.50 5.10 -22.68
C THR D 112 -21.87 6.57 -22.63
N GLN D 113 -21.45 7.32 -23.65
CA GLN D 113 -21.74 8.76 -23.71
C GLN D 113 -23.24 9.01 -23.59
N LEU D 114 -24.04 8.20 -24.29
CA LEU D 114 -25.48 8.35 -24.25
C LEU D 114 -26.04 8.05 -22.87
N ILE D 115 -25.66 6.91 -22.30
CA ILE D 115 -26.13 6.51 -20.96
C ILE D 115 -25.80 7.60 -19.95
N ARG D 116 -24.56 8.11 -20.02
CA ARG D 116 -24.08 9.18 -19.17
C ARG D 116 -24.98 10.39 -19.34
N LEU D 117 -25.20 10.79 -20.58
CA LEU D 117 -26.04 11.93 -20.91
C LEU D 117 -27.50 11.75 -20.42
N CYS D 118 -28.05 10.55 -20.57
CA CYS D 118 -29.44 10.29 -20.19
C CYS D 118 -29.65 10.11 -18.69
N TYR D 119 -28.65 9.58 -17.97
CA TYR D 119 -28.78 9.35 -16.54
C TYR D 119 -28.37 10.56 -15.69
N SER D 120 -27.42 11.35 -16.20
CA SER D 120 -26.94 12.52 -15.50
C SER D 120 -28.08 13.49 -15.16
N SER D 121 -27.95 14.14 -13.99
CA SER D 121 -28.93 15.13 -13.57
C SER D 121 -28.81 16.36 -14.45
N ASP D 122 -27.60 16.59 -14.93
CA ASP D 122 -27.32 17.70 -15.83
C ASP D 122 -27.75 17.41 -17.27
N HIS D 123 -28.49 16.32 -17.44
CA HIS D 123 -28.99 15.87 -18.75
C HIS D 123 -29.37 17.00 -19.68
N GLU D 124 -30.06 18.01 -19.15
CA GLU D 124 -30.53 19.12 -19.95
C GLU D 124 -29.36 19.98 -20.47
N LYS D 125 -28.53 20.50 -19.56
CA LYS D 125 -27.44 21.39 -19.96
C LYS D 125 -26.41 20.65 -20.84
N LEU D 126 -26.28 19.34 -20.61
CA LEU D 126 -25.34 18.51 -21.37
C LEU D 126 -25.92 18.12 -22.74
N LYS D 127 -27.25 18.07 -22.80
CA LYS D 127 -27.97 17.69 -24.03
C LYS D 127 -27.44 18.36 -25.31
N PRO D 128 -27.35 19.74 -25.34
CA PRO D 128 -26.83 20.40 -26.53
C PRO D 128 -25.44 19.94 -26.96
N GLN D 129 -24.57 19.70 -25.99
CA GLN D 129 -23.21 19.25 -26.27
C GLN D 129 -23.23 17.92 -27.01
N TYR D 130 -23.98 16.96 -26.48
CA TYR D 130 -24.11 15.66 -27.10
C TYR D 130 -24.58 15.84 -28.55
N LEU D 131 -25.61 16.67 -28.73
CA LEU D 131 -26.19 16.90 -30.05
C LEU D 131 -25.18 17.51 -31.03
N GLU D 132 -24.37 18.45 -30.56
CA GLU D 132 -23.43 19.13 -31.43
C GLU D 132 -22.24 18.24 -31.82
N GLU D 133 -22.09 17.14 -31.09
CA GLU D 133 -21.03 16.19 -31.40
C GLU D 133 -21.56 14.91 -32.08
N LEU D 134 -22.88 14.74 -32.00
CA LEU D 134 -23.58 13.60 -32.56
C LEU D 134 -23.35 13.36 -34.06
N PRO D 135 -23.57 14.39 -34.91
CA PRO D 135 -23.36 14.21 -36.35
C PRO D 135 -22.00 13.60 -36.74
N GLY D 136 -20.94 14.01 -36.06
CA GLY D 136 -19.61 13.50 -36.34
C GLY D 136 -19.53 12.00 -36.14
N GLN D 137 -20.06 11.53 -35.01
CA GLN D 137 -20.02 10.11 -34.68
C GLN D 137 -20.80 9.33 -35.72
N LEU D 138 -22.02 9.81 -36.04
CA LEU D 138 -22.86 9.15 -37.05
C LEU D 138 -22.14 9.13 -38.42
N LYS D 139 -21.49 10.26 -38.74
CA LYS D 139 -20.70 10.39 -39.95
C LYS D 139 -19.69 9.27 -40.11
N GLN D 140 -18.99 8.95 -39.04
CA GLN D 140 -18.01 7.88 -39.03
C GLN D 140 -18.61 6.51 -39.25
N PHE D 141 -19.79 6.27 -38.69
CA PHE D 141 -20.47 4.99 -38.87
C PHE D 141 -20.88 4.81 -40.33
N SER D 142 -21.42 5.88 -40.92
CA SER D 142 -21.82 5.88 -42.33
C SER D 142 -20.60 5.59 -43.23
N MET D 143 -19.51 6.30 -42.96
CA MET D 143 -18.27 6.15 -43.70
C MET D 143 -17.77 4.70 -43.58
N PHE D 144 -17.82 4.14 -42.37
CA PHE D 144 -17.34 2.79 -42.12
C PHE D 144 -18.23 1.68 -42.72
N LEU D 145 -19.55 1.91 -42.77
CA LEU D 145 -20.45 0.95 -43.39
C LEU D 145 -20.26 0.95 -44.94
N GLY D 146 -20.21 2.17 -45.52
CA GLY D 146 -20.00 2.29 -46.95
C GLY D 146 -21.13 1.67 -47.76
N LYS D 147 -20.76 0.82 -48.72
CA LYS D 147 -21.72 0.17 -49.62
C LYS D 147 -22.03 -1.27 -49.17
N PHE D 148 -21.64 -1.63 -47.96
CA PHE D 148 -21.87 -2.99 -47.47
C PHE D 148 -23.32 -3.10 -47.00
N SER D 149 -23.82 -4.34 -46.93
CA SER D 149 -25.16 -4.61 -46.45
C SER D 149 -25.21 -4.59 -44.94
N TRP D 150 -24.11 -5.03 -44.33
CA TRP D 150 -23.97 -5.12 -42.88
C TRP D 150 -22.61 -4.57 -42.50
N PHE D 151 -22.43 -4.24 -41.22
CA PHE D 151 -21.18 -3.66 -40.73
C PHE D 151 -20.00 -4.61 -40.81
N ALA D 152 -20.29 -5.89 -40.88
CA ALA D 152 -19.23 -6.89 -41.02
C ALA D 152 -18.96 -7.21 -42.48
N GLY D 153 -19.50 -6.36 -43.35
CA GLY D 153 -19.38 -6.60 -44.78
C GLY D 153 -20.68 -7.12 -45.32
N GLU D 154 -20.62 -8.27 -45.96
CA GLU D 154 -21.82 -8.87 -46.54
C GLU D 154 -22.35 -10.04 -45.68
N LYS D 155 -22.21 -9.92 -44.37
CA LYS D 155 -22.61 -10.98 -43.46
C LYS D 155 -23.19 -10.36 -42.19
N LEU D 156 -24.34 -10.86 -41.77
CA LEU D 156 -25.01 -10.38 -40.55
C LEU D 156 -24.32 -11.02 -39.33
N THR D 157 -23.80 -10.17 -38.44
CA THR D 157 -23.11 -10.65 -37.24
C THR D 157 -23.72 -9.90 -36.05
N PHE D 158 -23.38 -10.32 -34.84
CA PHE D 158 -23.96 -9.72 -33.65
C PHE D 158 -23.82 -8.21 -33.56
N VAL D 159 -22.77 -7.68 -34.17
CA VAL D 159 -22.51 -6.23 -34.10
C VAL D 159 -23.62 -5.39 -34.74
N ASP D 160 -24.31 -5.97 -35.71
CA ASP D 160 -25.42 -5.27 -36.39
C ASP D 160 -26.56 -5.00 -35.42
N PHE D 161 -26.80 -5.97 -34.51
CA PHE D 161 -27.82 -5.85 -33.44
C PHE D 161 -27.43 -4.78 -32.42
N LEU D 162 -26.12 -4.70 -32.13
CA LEU D 162 -25.58 -3.67 -31.24
C LEU D 162 -25.69 -2.28 -31.86
N THR D 163 -25.28 -2.17 -33.12
CA THR D 163 -25.29 -0.91 -33.84
C THR D 163 -26.74 -0.44 -33.99
N TYR D 164 -27.64 -1.35 -34.35
CA TYR D 164 -29.04 -1.01 -34.45
C TYR D 164 -29.56 -0.37 -33.18
N ASP D 165 -29.36 -1.04 -32.05
CA ASP D 165 -29.84 -0.57 -30.76
C ASP D 165 -29.44 0.86 -30.46
N ILE D 166 -28.15 1.16 -30.63
CA ILE D 166 -27.64 2.49 -30.34
C ILE D 166 -28.13 3.57 -31.35
N LEU D 167 -28.19 3.20 -32.63
CA LEU D 167 -28.68 4.12 -33.67
C LEU D 167 -30.18 4.38 -33.50
N ASP D 168 -30.90 3.37 -33.03
CA ASP D 168 -32.33 3.48 -32.75
C ASP D 168 -32.52 4.47 -31.62
N GLN D 169 -31.79 4.27 -30.52
CA GLN D 169 -31.89 5.14 -29.37
C GLN D 169 -31.65 6.61 -29.77
N ASN D 170 -30.61 6.84 -30.58
CA ASN D 170 -30.29 8.18 -31.05
C ASN D 170 -31.40 8.72 -31.89
N ARG D 171 -31.91 7.88 -32.80
CA ARG D 171 -33.03 8.22 -33.70
C ARG D 171 -34.20 8.71 -32.86
N ILE D 172 -34.42 8.09 -31.71
CA ILE D 172 -35.47 8.46 -30.79
C ILE D 172 -35.17 9.79 -30.14
N PHE D 173 -33.90 10.01 -29.79
CA PHE D 173 -33.50 11.23 -29.12
C PHE D 173 -33.64 12.40 -30.06
N ASP D 174 -33.32 12.16 -31.34
CA ASP D 174 -33.43 13.18 -32.38
C ASP D 174 -33.65 12.54 -33.72
N PRO D 175 -34.94 12.46 -34.18
CA PRO D 175 -35.36 11.79 -35.41
C PRO D 175 -34.58 12.18 -36.66
N LYS D 176 -34.17 13.43 -36.73
CA LYS D 176 -33.47 13.94 -37.89
C LYS D 176 -32.01 13.53 -38.01
N CYS D 177 -31.44 12.98 -36.93
CA CYS D 177 -30.01 12.65 -36.90
C CYS D 177 -29.53 11.77 -38.06
N LEU D 178 -30.37 10.89 -38.58
CA LEU D 178 -29.97 10.00 -39.67
C LEU D 178 -30.27 10.53 -41.08
N ASP D 179 -31.03 11.63 -41.17
CA ASP D 179 -31.42 12.19 -42.47
C ASP D 179 -30.28 12.39 -43.46
N GLU D 180 -29.26 13.15 -43.06
CA GLU D 180 -28.09 13.36 -43.92
C GLU D 180 -27.20 12.11 -44.10
N PHE D 181 -27.69 10.96 -43.64
CA PHE D 181 -26.98 9.71 -43.77
C PHE D 181 -27.92 8.61 -44.30
N PRO D 182 -28.28 8.69 -45.61
CA PRO D 182 -29.20 7.72 -46.23
C PRO D 182 -28.66 6.31 -46.09
N ASN D 183 -27.34 6.22 -46.00
CA ASN D 183 -26.64 4.94 -45.83
C ASN D 183 -27.17 4.19 -44.59
N LEU D 184 -27.18 4.89 -43.47
CA LEU D 184 -27.58 4.34 -42.18
C LEU D 184 -29.07 4.06 -42.15
N LYS D 185 -29.89 4.97 -42.70
CA LYS D 185 -31.34 4.77 -42.75
C LYS D 185 -31.69 3.47 -43.45
N ALA D 186 -31.00 3.20 -44.55
CA ALA D 186 -31.17 1.96 -45.29
C ALA D 186 -30.88 0.74 -44.42
N PHE D 187 -29.78 0.80 -43.67
CA PHE D 187 -29.41 -0.26 -42.73
C PHE D 187 -30.60 -0.54 -41.79
N MET D 188 -31.13 0.53 -41.19
CA MET D 188 -32.23 0.41 -40.25
C MET D 188 -33.40 -0.35 -40.84
N CYS D 189 -33.85 0.08 -42.03
CA CYS D 189 -34.99 -0.59 -42.67
C CYS D 189 -34.68 -2.05 -42.98
N ARG D 190 -33.48 -2.30 -43.48
CA ARG D 190 -33.05 -3.64 -43.84
C ARG D 190 -33.05 -4.53 -42.61
N PHE D 191 -32.64 -3.99 -41.46
CA PHE D 191 -32.62 -4.72 -40.21
C PHE D 191 -34.03 -4.99 -39.65
N GLU D 192 -34.84 -3.94 -39.53
CA GLU D 192 -36.19 -4.06 -39.04
C GLU D 192 -37.12 -4.86 -39.96
N ALA D 193 -36.74 -5.02 -41.23
CA ALA D 193 -37.54 -5.77 -42.18
C ALA D 193 -37.33 -7.29 -42.04
N LEU D 194 -36.39 -7.69 -41.20
CA LEU D 194 -36.14 -9.10 -40.99
C LEU D 194 -37.34 -9.66 -40.29
N GLU D 195 -37.94 -10.70 -40.87
CA GLU D 195 -39.15 -11.38 -40.35
C GLU D 195 -39.24 -11.41 -38.82
N LYS D 196 -38.27 -12.06 -38.18
CA LYS D 196 -38.22 -12.19 -36.73
C LYS D 196 -38.19 -10.85 -36.01
N ILE D 197 -37.42 -9.91 -36.54
CA ILE D 197 -37.25 -8.61 -35.93
C ILE D 197 -38.53 -7.80 -36.01
N ALA D 198 -39.10 -7.70 -37.21
CA ALA D 198 -40.33 -6.94 -37.47
C ALA D 198 -41.48 -7.39 -36.56
N ALA D 199 -41.65 -8.71 -36.48
CA ALA D 199 -42.68 -9.30 -35.66
C ALA D 199 -42.49 -8.85 -34.20
N TYR D 200 -41.28 -9.05 -33.67
CA TYR D 200 -40.96 -8.68 -32.29
C TYR D 200 -41.22 -7.19 -32.05
N LEU D 201 -40.80 -6.33 -32.98
CA LEU D 201 -40.95 -4.89 -32.80
C LEU D 201 -42.41 -4.45 -32.72
N GLN D 202 -43.30 -5.23 -33.31
CA GLN D 202 -44.72 -4.94 -33.27
C GLN D 202 -45.37 -5.58 -32.05
N SER D 203 -44.60 -6.38 -31.30
CA SER D 203 -45.11 -7.10 -30.14
C SER D 203 -45.56 -6.18 -28.99
N ASP D 204 -46.57 -6.62 -28.25
CA ASP D 204 -47.14 -5.85 -27.17
C ASP D 204 -46.12 -5.46 -26.07
N GLN D 205 -45.48 -6.47 -25.44
CA GLN D 205 -44.55 -6.20 -24.34
C GLN D 205 -43.49 -5.21 -24.77
N PHE D 206 -42.99 -5.36 -26.00
CA PHE D 206 -41.94 -4.50 -26.52
C PHE D 206 -42.32 -3.01 -26.40
N CYS D 207 -43.59 -2.72 -26.68
CA CYS D 207 -44.08 -1.35 -26.65
C CYS D 207 -44.19 -0.80 -25.23
N LYS D 208 -44.34 -1.69 -24.25
CA LYS D 208 -44.50 -1.24 -22.87
C LYS D 208 -43.19 -1.12 -22.09
N MET D 209 -42.06 -1.44 -22.74
CA MET D 209 -40.75 -1.37 -22.08
C MET D 209 -40.09 0.01 -22.21
N PRO D 210 -39.72 0.63 -21.08
CA PRO D 210 -38.97 1.88 -21.11
C PRO D 210 -37.59 1.67 -21.68
N ILE D 211 -37.03 2.74 -22.25
CA ILE D 211 -35.71 2.65 -22.87
C ILE D 211 -34.68 2.48 -21.75
N ASN D 212 -34.80 3.33 -20.71
CA ASN D 212 -33.88 3.34 -19.59
C ASN D 212 -34.62 3.05 -18.29
N ASN D 213 -33.88 2.73 -17.24
CA ASN D 213 -34.48 2.41 -15.95
C ASN D 213 -35.09 3.67 -15.33
N LYS D 214 -35.98 3.46 -14.35
CA LYS D 214 -36.71 4.53 -13.67
C LYS D 214 -35.89 5.72 -13.16
N MET D 215 -34.64 5.49 -12.74
CA MET D 215 -33.79 6.57 -12.25
C MET D 215 -33.11 7.37 -13.36
N ALA D 216 -33.39 7.04 -14.62
CA ALA D 216 -32.80 7.74 -15.75
C ALA D 216 -33.53 9.07 -15.95
N GLN D 217 -32.78 10.08 -16.36
CA GLN D 217 -33.33 11.40 -16.64
C GLN D 217 -33.92 11.48 -18.08
N TRP D 218 -34.04 10.33 -18.75
CA TRP D 218 -34.63 10.27 -20.08
C TRP D 218 -34.98 8.82 -20.40
N GLY D 219 -36.03 8.64 -21.21
CA GLY D 219 -36.42 7.31 -21.66
C GLY D 219 -36.89 6.35 -20.57
N ASN D 220 -37.07 6.87 -19.35
CA ASN D 220 -37.45 6.05 -18.19
C ASN D 220 -38.90 5.57 -18.28
N LYS D 221 -39.65 6.12 -19.23
CA LYS D 221 -41.06 5.75 -19.42
C LYS D 221 -41.21 5.03 -20.76
N PRO D 222 -42.22 4.12 -20.87
CA PRO D 222 -42.51 3.43 -22.14
C PRO D 222 -42.84 4.41 -23.23
N VAL D 223 -42.38 4.11 -24.45
CA VAL D 223 -42.64 4.98 -25.58
C VAL D 223 -43.13 4.18 -26.77
N CYS D 224 -43.51 4.90 -27.84
CA CYS D 224 -43.97 4.28 -29.08
C CYS D 224 -43.38 5.07 -30.27
#